data_3LCG
#
_entry.id   3LCG
#
_cell.length_a   121.261
_cell.length_b   121.261
_cell.length_c   197.712
_cell.angle_alpha   90.00
_cell.angle_beta   90.00
_cell.angle_gamma   120.00
#
_symmetry.space_group_name_H-M   'P 32 2 1'
#
loop_
_entity.id
_entity.type
_entity.pdbx_description
1 polymer 'N-acetylneuraminate lyase'
2 non-polymer 'SULFATE ION'
3 water water
#
_entity_poly.entity_id   1
_entity_poly.type   'polypeptide(L)'
_entity_poly.pdbx_seq_one_letter_code
;MGHHHHHHHHHHSSGHIEGRHMMATNLRGVMAALLTPFDQQQALDKASLRRLVQFNIQQGIDGLYVGGSTGEAFVQSLSE
REQVLEIVAEEAKGKIKLIAHVGCVSTAESQQLAASAKRYGFDAVSAVTPFYYPFSFEEHCDHYRAIIDSADGLPMVVYN
IPALSGVKLTLDQINTLVTLPGVGALKQTSGDLYQMEQIRREHPDLVLYNGYDEIFASGLLAGADGGIGSTYNIMGWRYQ
GIVKALKEGDIQTAQKLQTECNKVIDLLIKTGLFRGLKTVLHYMDVVSVPLCRKPFGPVDEKYLPELKALAQQLMQERG
;
_entity_poly.pdbx_strand_id   A,B,C,D
#
loop_
_chem_comp.id
_chem_comp.type
_chem_comp.name
_chem_comp.formula
SO4 non-polymer 'SULFATE ION' 'O4 S -2'
#
# COMPACT_ATOMS: atom_id res chain seq x y z
N ASN A 26 11.48 -24.46 -28.29
CA ASN A 26 10.51 -23.33 -28.21
C ASN A 26 9.72 -23.43 -26.91
N LEU A 27 9.77 -22.39 -26.10
CA LEU A 27 9.07 -22.37 -24.82
C LEU A 27 7.73 -21.66 -24.82
N ARG A 28 7.34 -21.10 -25.97
CA ARG A 28 6.07 -20.40 -26.07
C ARG A 28 4.91 -21.39 -25.97
N GLY A 29 3.85 -20.99 -25.27
CA GLY A 29 2.71 -21.88 -25.15
C GLY A 29 1.86 -21.74 -23.90
N VAL A 30 0.93 -22.69 -23.76
CA VAL A 30 0.00 -22.74 -22.64
C VAL A 30 0.41 -23.91 -21.75
N MET A 31 0.98 -23.60 -20.59
CA MET A 31 1.46 -24.63 -19.69
C MET A 31 0.85 -24.57 -18.31
N ALA A 32 0.42 -25.72 -17.81
CA ALA A 32 -0.21 -25.80 -16.50
C ALA A 32 0.77 -25.75 -15.33
N ALA A 33 0.42 -24.97 -14.31
CA ALA A 33 1.23 -24.86 -13.10
C ALA A 33 0.75 -26.10 -12.32
N LEU A 34 1.63 -27.09 -12.19
CA LEU A 34 1.29 -28.36 -11.55
C LEU A 34 1.06 -28.32 -10.03
N LEU A 35 0.04 -29.07 -9.60
CA LEU A 35 -0.28 -29.19 -8.18
C LEU A 35 0.50 -30.41 -7.66
N THR A 36 0.72 -30.47 -6.35
CA THR A 36 1.42 -31.60 -5.75
C THR A 36 0.44 -32.39 -4.89
N PRO A 37 0.01 -33.57 -5.35
CA PRO A 37 -0.94 -34.37 -4.55
C PRO A 37 -0.31 -34.92 -3.28
N PHE A 38 -1.06 -34.89 -2.17
CA PHE A 38 -0.58 -35.41 -0.89
C PHE A 38 -1.58 -36.43 -0.37
N ASP A 39 -1.14 -37.30 0.54
CA ASP A 39 -2.05 -38.29 1.12
C ASP A 39 -2.63 -37.74 2.41
N GLN A 40 -3.43 -38.54 3.11
CA GLN A 40 -4.06 -38.10 4.36
C GLN A 40 -3.08 -37.64 5.43
N GLN A 41 -1.84 -38.11 5.36
CA GLN A 41 -0.83 -37.73 6.34
C GLN A 41 0.11 -36.64 5.80
N GLN A 42 -0.35 -35.94 4.77
CA GLN A 42 0.38 -34.83 4.15
C GLN A 42 1.66 -35.19 3.41
N ALA A 43 1.87 -36.47 3.13
CA ALA A 43 3.07 -36.88 2.41
C ALA A 43 2.76 -36.94 0.92
N LEU A 44 3.79 -36.84 0.09
CA LEU A 44 3.60 -36.90 -1.35
C LEU A 44 2.87 -38.18 -1.78
N ASP A 45 1.86 -38.02 -2.62
CA ASP A 45 1.09 -39.14 -3.16
C ASP A 45 1.63 -39.33 -4.57
N LYS A 46 2.66 -40.16 -4.70
CA LYS A 46 3.30 -40.40 -6.00
C LYS A 46 2.36 -40.86 -7.11
N ALA A 47 1.47 -41.80 -6.81
CA ALA A 47 0.55 -42.30 -7.82
C ALA A 47 -0.36 -41.19 -8.35
N SER A 48 -0.83 -40.32 -7.47
CA SER A 48 -1.70 -39.22 -7.90
C SER A 48 -0.91 -38.18 -8.68
N LEU A 49 0.38 -38.02 -8.34
CA LEU A 49 1.22 -37.06 -9.06
C LEU A 49 1.36 -37.57 -10.49
N ARG A 50 1.66 -38.86 -10.64
CA ARG A 50 1.81 -39.42 -11.98
C ARG A 50 0.50 -39.30 -12.74
N ARG A 51 -0.61 -39.60 -12.09
CA ARG A 51 -1.92 -39.50 -12.75
C ARG A 51 -2.22 -38.07 -13.21
N LEU A 52 -1.84 -37.08 -12.40
CA LEU A 52 -2.10 -35.69 -12.76
C LEU A 52 -1.25 -35.27 -13.95
N VAL A 53 -0.02 -35.77 -14.01
CA VAL A 53 0.86 -35.44 -15.13
C VAL A 53 0.26 -36.02 -16.41
N GLN A 54 -0.15 -37.28 -16.35
CA GLN A 54 -0.73 -37.93 -17.52
C GLN A 54 -2.05 -37.26 -17.93
N PHE A 55 -2.84 -36.85 -16.94
CA PHE A 55 -4.12 -36.18 -17.19
C PHE A 55 -3.87 -34.91 -18.00
N ASN A 56 -2.88 -34.13 -17.59
CA ASN A 56 -2.54 -32.89 -18.28
C ASN A 56 -2.08 -33.17 -19.70
N ILE A 57 -1.23 -34.19 -19.86
CA ILE A 57 -0.73 -34.55 -21.19
C ILE A 57 -1.91 -34.96 -22.09
N GLN A 58 -2.83 -35.72 -21.54
CA GLN A 58 -3.99 -36.19 -22.31
C GLN A 58 -4.93 -35.09 -22.76
N GLN A 59 -5.00 -33.99 -22.01
CA GLN A 59 -5.89 -32.91 -22.42
C GLN A 59 -5.23 -31.91 -23.38
N GLY A 60 -4.04 -32.26 -23.85
CA GLY A 60 -3.34 -31.42 -24.82
C GLY A 60 -2.55 -30.22 -24.33
N ILE A 61 -2.07 -30.25 -23.09
CA ILE A 61 -1.30 -29.14 -22.56
C ILE A 61 0.06 -29.08 -23.26
N ASP A 62 0.61 -27.88 -23.45
CA ASP A 62 1.90 -27.73 -24.12
C ASP A 62 3.07 -28.10 -23.21
N GLY A 63 2.90 -27.91 -21.91
CA GLY A 63 3.97 -28.22 -20.98
C GLY A 63 3.54 -28.05 -19.55
N LEU A 64 4.46 -28.30 -18.62
CA LEU A 64 4.18 -28.16 -17.20
C LEU A 64 5.22 -27.29 -16.49
N TYR A 65 4.75 -26.46 -15.56
CA TYR A 65 5.60 -25.58 -14.75
C TYR A 65 5.54 -26.29 -13.39
N VAL A 66 6.65 -26.86 -12.98
CA VAL A 66 6.73 -27.66 -11.74
C VAL A 66 7.51 -27.05 -10.57
N GLY A 67 6.96 -27.20 -9.37
CA GLY A 67 7.64 -26.71 -8.19
C GLY A 67 7.45 -25.23 -7.88
N GLY A 68 6.40 -24.65 -8.44
CA GLY A 68 6.11 -23.24 -8.21
C GLY A 68 5.16 -23.06 -7.04
N SER A 69 4.53 -21.89 -6.95
CA SER A 69 3.58 -21.61 -5.88
C SER A 69 2.52 -22.70 -5.80
N THR A 70 1.96 -23.01 -6.96
CA THR A 70 0.90 -24.00 -7.09
C THR A 70 1.27 -25.40 -6.64
N GLY A 71 2.55 -25.74 -6.73
CA GLY A 71 3.00 -27.05 -6.30
C GLY A 71 3.25 -27.10 -4.81
N GLU A 72 2.91 -26.00 -4.12
CA GLU A 72 3.10 -25.89 -2.68
C GLU A 72 4.57 -26.06 -2.30
N ALA A 73 5.43 -25.59 -3.19
CA ALA A 73 6.88 -25.71 -2.99
C ALA A 73 7.37 -25.04 -1.71
N PHE A 74 6.72 -23.95 -1.30
CA PHE A 74 7.17 -23.25 -0.12
C PHE A 74 6.78 -23.87 1.22
N VAL A 75 6.09 -25.01 1.15
CA VAL A 75 5.76 -25.75 2.36
C VAL A 75 6.35 -27.15 2.17
N GLN A 76 7.38 -27.23 1.32
CA GLN A 76 8.11 -28.47 1.05
C GLN A 76 9.60 -28.25 1.29
N SER A 77 10.31 -29.34 1.56
CA SER A 77 11.76 -29.26 1.77
C SER A 77 12.41 -29.38 0.39
N LEU A 78 13.72 -29.12 0.32
CA LEU A 78 14.43 -29.23 -0.96
C LEU A 78 14.35 -30.64 -1.52
N SER A 79 14.58 -31.64 -0.65
CA SER A 79 14.54 -33.02 -1.10
C SER A 79 13.16 -33.39 -1.63
N GLU A 80 12.12 -32.84 -1.00
CA GLU A 80 10.75 -33.13 -1.44
C GLU A 80 10.50 -32.50 -2.81
N ARG A 81 11.01 -31.29 -3.02
CA ARG A 81 10.84 -30.63 -4.32
C ARG A 81 11.59 -31.41 -5.40
N GLU A 82 12.77 -31.93 -5.06
CA GLU A 82 13.56 -32.70 -6.03
C GLU A 82 12.83 -33.98 -6.39
N GLN A 83 12.21 -34.61 -5.41
CA GLN A 83 11.48 -35.86 -5.62
C GLN A 83 10.38 -35.63 -6.66
N VAL A 84 9.67 -34.51 -6.52
CA VAL A 84 8.59 -34.18 -7.44
C VAL A 84 9.14 -33.94 -8.85
N LEU A 85 10.21 -33.16 -8.94
CA LEU A 85 10.81 -32.86 -10.25
C LEU A 85 11.22 -34.16 -10.96
N GLU A 86 11.87 -35.06 -10.22
CA GLU A 86 12.33 -36.32 -10.80
C GLU A 86 11.19 -37.17 -11.32
N ILE A 87 10.13 -37.31 -10.54
CA ILE A 87 8.98 -38.11 -10.95
C ILE A 87 8.30 -37.51 -12.19
N VAL A 88 8.11 -36.19 -12.19
CA VAL A 88 7.46 -35.55 -13.32
C VAL A 88 8.27 -35.79 -14.60
N ALA A 89 9.60 -35.68 -14.49
CA ALA A 89 10.46 -35.89 -15.65
C ALA A 89 10.31 -37.32 -16.18
N GLU A 90 10.27 -38.29 -15.27
CA GLU A 90 10.12 -39.69 -15.66
C GLU A 90 8.84 -39.88 -16.44
N GLU A 91 7.80 -39.17 -16.01
CA GLU A 91 6.48 -39.26 -16.64
C GLU A 91 6.26 -38.47 -17.92
N ALA A 92 6.90 -37.31 -18.04
CA ALA A 92 6.66 -36.46 -19.20
C ALA A 92 7.82 -35.98 -20.06
N LYS A 93 9.06 -36.22 -19.64
CA LYS A 93 10.18 -35.76 -20.45
C LYS A 93 10.05 -36.28 -21.88
N GLY A 94 10.26 -35.39 -22.85
CA GLY A 94 10.17 -35.78 -24.25
C GLY A 94 8.77 -35.72 -24.84
N LYS A 95 7.76 -35.71 -23.98
CA LYS A 95 6.36 -35.66 -24.44
C LYS A 95 5.83 -34.23 -24.48
N ILE A 96 6.15 -33.47 -23.45
CA ILE A 96 5.73 -32.07 -23.36
C ILE A 96 6.87 -31.27 -22.75
N LYS A 97 6.83 -29.95 -22.86
CA LYS A 97 7.88 -29.10 -22.30
C LYS A 97 7.80 -29.13 -20.78
N LEU A 98 8.96 -29.10 -20.14
CA LEU A 98 9.02 -29.11 -18.68
C LEU A 98 9.88 -27.96 -18.14
N ILE A 99 9.25 -27.13 -17.31
CA ILE A 99 9.96 -26.01 -16.69
C ILE A 99 9.99 -26.27 -15.20
N ALA A 100 11.18 -26.26 -14.62
CA ALA A 100 11.33 -26.50 -13.19
C ALA A 100 11.50 -25.21 -12.42
N HIS A 101 10.56 -24.89 -11.54
CA HIS A 101 10.72 -23.69 -10.74
C HIS A 101 11.61 -24.12 -9.57
N VAL A 102 12.82 -23.59 -9.56
CA VAL A 102 13.81 -23.94 -8.54
C VAL A 102 14.02 -22.83 -7.51
N GLY A 103 13.21 -21.77 -7.60
CA GLY A 103 13.36 -20.65 -6.69
C GLY A 103 13.17 -20.87 -5.20
N CYS A 104 14.09 -20.31 -4.42
CA CYS A 104 14.08 -20.34 -2.97
C CYS A 104 14.56 -18.96 -2.53
N VAL A 105 14.43 -18.64 -1.25
CA VAL A 105 14.94 -17.35 -0.79
C VAL A 105 16.45 -17.44 -0.92
N SER A 106 16.99 -18.59 -0.52
CA SER A 106 18.44 -18.85 -0.59
C SER A 106 18.94 -19.11 -2.00
N THR A 107 20.06 -18.49 -2.35
CA THR A 107 20.64 -18.69 -3.67
C THR A 107 21.20 -20.11 -3.76
N ALA A 108 21.92 -20.54 -2.74
CA ALA A 108 22.52 -21.87 -2.71
C ALA A 108 21.48 -22.97 -2.88
N GLU A 109 20.33 -22.83 -2.22
CA GLU A 109 19.29 -23.83 -2.34
C GLU A 109 18.73 -23.83 -3.75
N SER A 110 18.55 -22.63 -4.31
CA SER A 110 18.02 -22.51 -5.66
C SER A 110 18.97 -23.18 -6.65
N GLN A 111 20.27 -23.01 -6.42
CA GLN A 111 21.28 -23.62 -7.29
C GLN A 111 21.22 -25.15 -7.24
N GLN A 112 21.00 -25.70 -6.05
CA GLN A 112 20.91 -27.16 -5.92
C GLN A 112 19.76 -27.68 -6.76
N LEU A 113 18.59 -27.04 -6.66
CA LEU A 113 17.43 -27.48 -7.43
C LEU A 113 17.68 -27.30 -8.93
N ALA A 114 18.38 -26.23 -9.30
CA ALA A 114 18.66 -25.98 -10.71
C ALA A 114 19.55 -27.09 -11.27
N ALA A 115 20.56 -27.49 -10.49
CA ALA A 115 21.46 -28.56 -10.93
C ALA A 115 20.69 -29.87 -11.05
N SER A 116 19.74 -30.10 -10.16
CA SER A 116 18.94 -31.32 -10.22
C SER A 116 18.02 -31.30 -11.43
N ALA A 117 17.44 -30.13 -11.72
CA ALA A 117 16.55 -29.99 -12.86
C ALA A 117 17.31 -30.36 -14.13
N LYS A 118 18.57 -29.96 -14.19
CA LYS A 118 19.42 -30.27 -15.34
C LYS A 118 19.61 -31.78 -15.41
N ARG A 119 19.95 -32.38 -14.28
CA ARG A 119 20.16 -33.82 -14.23
C ARG A 119 18.92 -34.62 -14.66
N TYR A 120 17.74 -34.15 -14.28
CA TYR A 120 16.50 -34.86 -14.64
C TYR A 120 16.04 -34.59 -16.07
N GLY A 121 16.70 -33.66 -16.77
CA GLY A 121 16.33 -33.39 -18.14
C GLY A 121 15.23 -32.38 -18.40
N PHE A 122 15.04 -31.40 -17.52
CA PHE A 122 14.02 -30.40 -17.77
C PHE A 122 14.47 -29.51 -18.93
N ASP A 123 13.52 -28.79 -19.53
CA ASP A 123 13.83 -27.92 -20.65
C ASP A 123 14.26 -26.53 -20.22
N ALA A 124 13.88 -26.14 -19.00
CA ALA A 124 14.23 -24.82 -18.49
C ALA A 124 14.01 -24.75 -16.98
N VAL A 125 14.56 -23.71 -16.37
CA VAL A 125 14.39 -23.50 -14.94
C VAL A 125 13.72 -22.14 -14.75
N SER A 126 13.23 -21.87 -13.55
CA SER A 126 12.58 -20.61 -13.26
C SER A 126 12.78 -20.31 -11.80
N ALA A 127 12.74 -19.03 -11.44
CA ALA A 127 12.92 -18.65 -10.05
C ALA A 127 12.18 -17.37 -9.71
N VAL A 128 11.39 -17.43 -8.65
CA VAL A 128 10.64 -16.27 -8.18
C VAL A 128 11.67 -15.35 -7.54
N THR A 129 11.44 -14.04 -7.58
CA THR A 129 12.35 -13.10 -6.95
C THR A 129 12.41 -13.49 -5.47
N PRO A 130 13.62 -13.67 -4.91
CA PRO A 130 13.71 -14.05 -3.50
C PRO A 130 12.92 -13.07 -2.62
N PHE A 131 12.19 -13.62 -1.66
CA PHE A 131 11.32 -12.82 -0.80
C PHE A 131 11.63 -12.77 0.70
N TYR A 132 10.69 -12.17 1.43
CA TYR A 132 10.74 -11.96 2.88
C TYR A 132 11.77 -10.87 3.22
N TYR A 133 13.05 -11.18 3.05
CA TYR A 133 14.10 -10.21 3.33
C TYR A 133 14.20 -9.24 2.17
N PRO A 134 14.43 -7.96 2.44
CA PRO A 134 14.55 -7.00 1.34
C PRO A 134 15.93 -7.16 0.71
N PHE A 135 15.96 -7.28 -0.62
CA PHE A 135 17.23 -7.41 -1.32
C PHE A 135 17.34 -6.30 -2.36
N SER A 136 18.55 -5.84 -2.63
CA SER A 136 18.76 -4.78 -3.61
C SER A 136 18.56 -5.38 -4.99
N PHE A 137 18.36 -4.53 -6.00
CA PHE A 137 18.16 -5.04 -7.34
C PHE A 137 19.42 -5.76 -7.79
N GLU A 138 20.58 -5.22 -7.41
CA GLU A 138 21.85 -5.83 -7.77
C GLU A 138 21.89 -7.24 -7.19
N GLU A 139 21.42 -7.41 -5.96
CA GLU A 139 21.41 -8.72 -5.33
C GLU A 139 20.46 -9.67 -6.05
N HIS A 140 19.35 -9.14 -6.57
CA HIS A 140 18.41 -9.97 -7.31
C HIS A 140 19.08 -10.43 -8.59
N CYS A 141 19.76 -9.51 -9.27
CA CYS A 141 20.44 -9.86 -10.51
C CYS A 141 21.48 -10.96 -10.31
N ASP A 142 22.31 -10.83 -9.28
CA ASP A 142 23.33 -11.84 -9.00
C ASP A 142 22.71 -13.18 -8.65
N HIS A 143 21.56 -13.14 -8.00
CA HIS A 143 20.82 -14.35 -7.61
C HIS A 143 20.50 -15.11 -8.90
N TYR A 144 19.89 -14.42 -9.86
CA TYR A 144 19.54 -15.03 -11.13
C TYR A 144 20.78 -15.54 -11.88
N ARG A 145 21.85 -14.75 -11.89
CA ARG A 145 23.08 -15.17 -12.58
C ARG A 145 23.63 -16.46 -12.00
N ALA A 146 23.63 -16.56 -10.66
CA ALA A 146 24.14 -17.74 -9.99
C ALA A 146 23.31 -18.97 -10.29
N ILE A 147 21.99 -18.80 -10.35
CA ILE A 147 21.12 -19.92 -10.64
C ILE A 147 21.30 -20.35 -12.10
N ILE A 148 21.42 -19.37 -12.99
CA ILE A 148 21.62 -19.64 -14.41
C ILE A 148 22.90 -20.44 -14.62
N ASP A 149 23.92 -20.13 -13.84
CA ASP A 149 25.19 -20.83 -13.94
C ASP A 149 24.98 -22.29 -13.57
N SER A 150 24.27 -22.55 -12.47
CA SER A 150 24.03 -23.91 -12.03
C SER A 150 23.07 -24.69 -12.93
N ALA A 151 22.23 -23.98 -13.68
CA ALA A 151 21.28 -24.63 -14.58
C ALA A 151 22.03 -25.28 -15.74
N ASP A 152 23.33 -25.03 -15.79
CA ASP A 152 24.22 -25.60 -16.80
C ASP A 152 23.64 -25.71 -18.22
N GLY A 153 23.14 -24.58 -18.74
CA GLY A 153 22.60 -24.59 -20.09
C GLY A 153 21.09 -24.39 -20.24
N LEU A 154 20.32 -24.79 -19.25
CA LEU A 154 18.87 -24.64 -19.32
C LEU A 154 18.50 -23.15 -19.23
N PRO A 155 17.66 -22.67 -20.15
CA PRO A 155 17.27 -21.26 -20.10
C PRO A 155 16.49 -20.93 -18.83
N MET A 156 16.61 -19.69 -18.37
CA MET A 156 15.93 -19.23 -17.17
C MET A 156 14.66 -18.46 -17.46
N VAL A 157 13.62 -18.74 -16.67
CA VAL A 157 12.35 -18.05 -16.81
C VAL A 157 12.20 -17.18 -15.58
N VAL A 158 12.43 -15.88 -15.73
CA VAL A 158 12.29 -14.95 -14.62
C VAL A 158 10.84 -14.99 -14.19
N TYR A 159 10.60 -14.95 -12.88
CA TYR A 159 9.24 -15.03 -12.34
C TYR A 159 8.90 -13.79 -11.52
N ASN A 160 8.01 -12.96 -12.07
CA ASN A 160 7.55 -11.71 -11.45
C ASN A 160 6.15 -11.92 -10.88
N ILE A 161 6.02 -11.90 -9.56
CA ILE A 161 4.72 -12.08 -8.92
C ILE A 161 4.67 -11.24 -7.63
N PRO A 162 4.59 -9.92 -7.79
CA PRO A 162 4.56 -8.98 -6.66
C PRO A 162 3.52 -9.24 -5.57
N ALA A 163 2.35 -9.74 -5.96
CA ALA A 163 1.30 -10.01 -4.98
C ALA A 163 1.73 -10.99 -3.89
N LEU A 164 2.49 -12.02 -4.27
CA LEU A 164 2.93 -13.01 -3.30
C LEU A 164 4.32 -12.76 -2.74
N SER A 165 5.24 -12.31 -3.61
CA SER A 165 6.62 -12.07 -3.19
C SER A 165 6.82 -10.78 -2.41
N GLY A 166 6.03 -9.76 -2.74
CA GLY A 166 6.18 -8.48 -2.05
C GLY A 166 7.28 -7.66 -2.72
N VAL A 167 7.85 -8.20 -3.80
CA VAL A 167 8.91 -7.51 -4.53
C VAL A 167 8.29 -6.77 -5.71
N LYS A 168 8.41 -5.46 -5.71
CA LYS A 168 7.86 -4.63 -6.79
C LYS A 168 8.97 -4.11 -7.69
N LEU A 169 9.05 -4.66 -8.90
CA LEU A 169 10.08 -4.27 -9.86
C LEU A 169 9.57 -3.20 -10.82
N THR A 170 10.47 -2.33 -11.27
CA THR A 170 10.11 -1.29 -12.22
C THR A 170 10.30 -1.88 -13.62
N LEU A 171 9.78 -1.20 -14.64
CA LEU A 171 9.92 -1.68 -16.01
C LEU A 171 11.40 -1.81 -16.38
N ASP A 172 12.19 -0.82 -15.98
CA ASP A 172 13.62 -0.84 -16.27
C ASP A 172 14.29 -2.04 -15.62
N GLN A 173 13.88 -2.38 -14.40
CA GLN A 173 14.46 -3.52 -13.72
C GLN A 173 14.05 -4.82 -14.40
N ILE A 174 12.80 -4.89 -14.84
CA ILE A 174 12.34 -6.09 -15.52
C ILE A 174 13.14 -6.23 -16.83
N ASN A 175 13.34 -5.12 -17.53
CA ASN A 175 14.10 -5.15 -18.77
C ASN A 175 15.51 -5.67 -18.54
N THR A 176 16.14 -5.22 -17.45
CA THR A 176 17.49 -5.66 -17.13
C THR A 176 17.51 -7.16 -16.83
N LEU A 177 16.54 -7.63 -16.05
CA LEU A 177 16.47 -9.05 -15.72
C LEU A 177 16.27 -9.95 -16.93
N VAL A 178 15.35 -9.58 -17.82
CA VAL A 178 15.09 -10.40 -18.99
C VAL A 178 16.20 -10.37 -20.04
N THR A 179 17.11 -9.42 -19.92
CA THR A 179 18.21 -9.31 -20.87
C THR A 179 19.50 -9.97 -20.35
N LEU A 180 19.45 -10.50 -19.13
CA LEU A 180 20.60 -11.18 -18.55
C LEU A 180 20.90 -12.40 -19.41
N PRO A 181 22.20 -12.73 -19.59
CA PRO A 181 22.55 -13.91 -20.39
C PRO A 181 21.94 -15.16 -19.78
N GLY A 182 21.30 -15.98 -20.61
CA GLY A 182 20.70 -17.20 -20.10
C GLY A 182 19.22 -17.12 -19.78
N VAL A 183 18.65 -15.92 -19.85
CA VAL A 183 17.22 -15.75 -19.60
C VAL A 183 16.48 -15.89 -20.93
N GLY A 184 15.50 -16.80 -20.96
CA GLY A 184 14.76 -17.02 -22.19
C GLY A 184 13.26 -16.77 -22.12
N ALA A 185 12.77 -16.30 -20.98
CA ALA A 185 11.35 -16.03 -20.83
C ALA A 185 11.02 -15.31 -19.54
N LEU A 186 9.81 -14.79 -19.46
CA LEU A 186 9.33 -14.08 -18.28
C LEU A 186 7.94 -14.56 -17.94
N LYS A 187 7.72 -15.02 -16.71
CA LYS A 187 6.39 -15.41 -16.30
C LYS A 187 5.92 -14.15 -15.60
N GLN A 188 4.94 -13.48 -16.21
CA GLN A 188 4.42 -12.22 -15.71
C GLN A 188 3.11 -12.36 -14.94
N THR A 189 3.20 -12.58 -13.62
CA THR A 189 1.99 -12.68 -12.83
C THR A 189 1.68 -11.30 -12.27
N SER A 190 1.18 -10.45 -13.17
CA SER A 190 0.81 -9.08 -12.85
C SER A 190 -0.42 -8.73 -13.66
N GLY A 191 -1.31 -7.96 -13.06
CA GLY A 191 -2.52 -7.56 -13.76
C GLY A 191 -2.35 -6.24 -14.49
N ASP A 192 -1.12 -5.71 -14.49
CA ASP A 192 -0.82 -4.44 -15.14
C ASP A 192 -0.59 -4.72 -16.63
N LEU A 193 -1.61 -4.50 -17.44
CA LEU A 193 -1.49 -4.77 -18.87
C LEU A 193 -0.85 -3.64 -19.66
N TYR A 194 -0.56 -2.53 -18.99
CA TYR A 194 0.15 -1.43 -19.65
C TYR A 194 1.59 -1.92 -19.66
N GLN A 195 2.05 -2.40 -18.51
CA GLN A 195 3.40 -2.91 -18.39
C GLN A 195 3.60 -4.14 -19.30
N MET A 196 2.56 -4.97 -19.43
CA MET A 196 2.66 -6.14 -20.29
C MET A 196 2.97 -5.69 -21.71
N GLU A 197 2.26 -4.66 -22.17
CA GLU A 197 2.47 -4.14 -23.51
C GLU A 197 3.85 -3.51 -23.65
N GLN A 198 4.29 -2.79 -22.61
CA GLN A 198 5.60 -2.15 -22.65
C GLN A 198 6.71 -3.21 -22.74
N ILE A 199 6.53 -4.32 -22.04
CA ILE A 199 7.52 -5.39 -22.06
C ILE A 199 7.60 -5.99 -23.46
N ARG A 200 6.44 -6.20 -24.09
CA ARG A 200 6.40 -6.77 -25.44
C ARG A 200 7.04 -5.81 -26.43
N ARG A 201 6.78 -4.52 -26.25
CA ARG A 201 7.33 -3.50 -27.15
C ARG A 201 8.85 -3.48 -27.10
N GLU A 202 9.41 -3.56 -25.89
CA GLU A 202 10.85 -3.55 -25.71
C GLU A 202 11.53 -4.86 -26.12
N HIS A 203 10.80 -5.97 -26.01
CA HIS A 203 11.34 -7.29 -26.33
C HIS A 203 10.43 -8.07 -27.28
N PRO A 204 10.51 -7.76 -28.58
CA PRO A 204 9.70 -8.41 -29.63
C PRO A 204 9.71 -9.94 -29.66
N ASP A 205 10.85 -10.55 -29.33
CA ASP A 205 10.95 -12.01 -29.39
C ASP A 205 10.91 -12.73 -28.04
N LEU A 206 10.64 -12.00 -26.97
CA LEU A 206 10.60 -12.60 -25.64
C LEU A 206 9.40 -13.51 -25.40
N VAL A 207 9.66 -14.69 -24.81
CA VAL A 207 8.59 -15.61 -24.48
C VAL A 207 7.99 -14.95 -23.24
N LEU A 208 6.72 -14.58 -23.31
CA LEU A 208 6.05 -13.87 -22.22
C LEU A 208 4.77 -14.57 -21.78
N TYR A 209 4.82 -15.21 -20.61
CA TYR A 209 3.67 -15.95 -20.07
C TYR A 209 2.75 -15.09 -19.20
N ASN A 210 1.46 -15.09 -19.55
CA ASN A 210 0.46 -14.38 -18.78
C ASN A 210 0.30 -15.23 -17.51
N GLY A 211 0.37 -14.59 -16.33
CA GLY A 211 0.28 -15.32 -15.08
C GLY A 211 -1.07 -15.35 -14.36
N TYR A 212 -1.96 -14.43 -14.67
CA TYR A 212 -3.27 -14.42 -14.01
C TYR A 212 -4.31 -14.97 -15.00
N ASP A 213 -4.75 -16.20 -14.75
CA ASP A 213 -5.70 -16.87 -15.64
C ASP A 213 -6.94 -16.03 -15.93
N GLU A 214 -7.41 -15.30 -14.93
CA GLU A 214 -8.62 -14.49 -15.07
C GLU A 214 -8.55 -13.33 -16.06
N ILE A 215 -7.36 -13.05 -16.61
CA ILE A 215 -7.25 -11.98 -17.60
C ILE A 215 -6.50 -12.48 -18.83
N PHE A 216 -6.42 -13.80 -18.97
CA PHE A 216 -5.70 -14.44 -20.08
C PHE A 216 -5.95 -13.79 -21.43
N ALA A 217 -7.21 -13.71 -21.84
CA ALA A 217 -7.54 -13.12 -23.15
C ALA A 217 -6.98 -11.71 -23.30
N SER A 218 -7.21 -10.87 -22.30
CA SER A 218 -6.71 -9.50 -22.31
C SER A 218 -5.18 -9.46 -22.27
N GLY A 219 -4.59 -10.41 -21.53
CA GLY A 219 -3.14 -10.46 -21.44
C GLY A 219 -2.49 -10.77 -22.78
N LEU A 220 -3.08 -11.70 -23.53
CA LEU A 220 -2.55 -12.06 -24.84
C LEU A 220 -2.69 -10.86 -25.78
N LEU A 221 -3.82 -10.17 -25.71
CA LEU A 221 -4.05 -9.01 -26.57
C LEU A 221 -3.00 -7.93 -26.27
N ALA A 222 -2.64 -7.79 -25.00
CA ALA A 222 -1.65 -6.79 -24.60
C ALA A 222 -0.23 -7.13 -25.02
N GLY A 223 0.05 -8.41 -25.26
CA GLY A 223 1.40 -8.78 -25.67
C GLY A 223 1.91 -10.14 -25.25
N ALA A 224 1.27 -10.77 -24.27
CA ALA A 224 1.73 -12.10 -23.85
C ALA A 224 1.55 -13.06 -25.03
N ASP A 225 2.42 -14.06 -25.15
CA ASP A 225 2.31 -15.02 -26.24
C ASP A 225 2.04 -16.42 -25.72
N GLY A 226 1.50 -16.49 -24.51
CA GLY A 226 1.20 -17.77 -23.90
C GLY A 226 0.85 -17.55 -22.44
N GLY A 227 0.88 -18.61 -21.65
CA GLY A 227 0.59 -18.45 -20.25
C GLY A 227 0.89 -19.67 -19.40
N ILE A 228 0.98 -19.45 -18.10
CA ILE A 228 1.22 -20.51 -17.13
C ILE A 228 0.15 -20.27 -16.06
N GLY A 229 -0.66 -21.30 -15.77
CA GLY A 229 -1.70 -21.12 -14.78
C GLY A 229 -2.13 -22.39 -14.08
N SER A 230 -2.57 -22.26 -12.84
CA SER A 230 -3.01 -23.41 -12.06
C SER A 230 -4.36 -23.95 -12.49
N THR A 231 -5.24 -23.09 -13.02
CA THR A 231 -6.55 -23.59 -13.43
C THR A 231 -6.47 -24.40 -14.72
N TYR A 232 -5.29 -24.38 -15.36
CA TYR A 232 -5.11 -25.14 -16.61
C TYR A 232 -5.22 -26.64 -16.31
N ASN A 233 -5.00 -27.03 -15.06
CA ASN A 233 -5.09 -28.44 -14.66
C ASN A 233 -6.47 -29.03 -14.91
N ILE A 234 -7.52 -28.23 -14.77
CA ILE A 234 -8.87 -28.74 -14.95
C ILE A 234 -9.61 -28.28 -16.21
N MET A 235 -9.08 -27.28 -16.90
CA MET A 235 -9.73 -26.78 -18.10
C MET A 235 -8.75 -26.10 -19.06
N GLY A 236 -7.56 -26.69 -19.20
CA GLY A 236 -6.55 -26.13 -20.07
C GLY A 236 -7.00 -25.92 -21.51
N TRP A 237 -7.88 -26.79 -22.00
CA TRP A 237 -8.38 -26.69 -23.36
C TRP A 237 -9.13 -25.38 -23.62
N ARG A 238 -9.66 -24.75 -22.57
CA ARG A 238 -10.37 -23.49 -22.74
C ARG A 238 -9.38 -22.40 -23.08
N TYR A 239 -8.23 -22.43 -22.41
CA TYR A 239 -7.19 -21.44 -22.65
C TYR A 239 -6.60 -21.65 -24.04
N GLN A 240 -6.44 -22.91 -24.43
CA GLN A 240 -5.93 -23.22 -25.76
C GLN A 240 -6.97 -22.68 -26.75
N GLY A 241 -8.24 -22.75 -26.35
CA GLY A 241 -9.33 -22.27 -27.19
C GLY A 241 -9.30 -20.77 -27.37
N ILE A 242 -8.89 -20.06 -26.33
CA ILE A 242 -8.81 -18.60 -26.41
C ILE A 242 -7.67 -18.20 -27.34
N VAL A 243 -6.57 -18.94 -27.28
CA VAL A 243 -5.43 -18.66 -28.15
C VAL A 243 -5.87 -18.79 -29.60
N LYS A 244 -6.56 -19.90 -29.89
CA LYS A 244 -7.05 -20.18 -31.23
C LYS A 244 -8.06 -19.14 -31.69
N ALA A 245 -8.99 -18.79 -30.82
CA ALA A 245 -10.01 -17.80 -31.15
C ALA A 245 -9.41 -16.45 -31.54
N LEU A 246 -8.49 -15.95 -30.73
CA LEU A 246 -7.86 -14.66 -31.01
C LEU A 246 -7.04 -14.72 -32.30
N LYS A 247 -6.43 -15.86 -32.57
CA LYS A 247 -5.62 -16.03 -33.77
C LYS A 247 -6.51 -16.00 -35.01
N GLU A 248 -7.73 -16.50 -34.86
CA GLU A 248 -8.69 -16.53 -35.96
C GLU A 248 -9.60 -15.32 -36.02
N GLY A 249 -9.35 -14.36 -35.13
CA GLY A 249 -10.16 -13.15 -35.11
C GLY A 249 -11.57 -13.34 -34.60
N ASP A 250 -11.81 -14.42 -33.87
CA ASP A 250 -13.13 -14.71 -33.32
C ASP A 250 -13.19 -14.17 -31.89
N ILE A 251 -13.30 -12.85 -31.76
CA ILE A 251 -13.36 -12.21 -30.45
C ILE A 251 -14.50 -12.70 -29.57
N GLN A 252 -15.67 -12.91 -30.18
CA GLN A 252 -16.84 -13.36 -29.44
C GLN A 252 -16.55 -14.68 -28.70
N THR A 253 -15.95 -15.63 -29.41
CA THR A 253 -15.61 -16.92 -28.82
C THR A 253 -14.57 -16.77 -27.71
N ALA A 254 -13.59 -15.89 -27.95
CA ALA A 254 -12.54 -15.66 -26.96
C ALA A 254 -13.15 -15.13 -25.66
N GLN A 255 -14.05 -14.15 -25.78
CA GLN A 255 -14.69 -13.56 -24.61
C GLN A 255 -15.57 -14.56 -23.86
N LYS A 256 -16.31 -15.38 -24.61
CA LYS A 256 -17.19 -16.35 -23.98
C LYS A 256 -16.37 -17.36 -23.18
N LEU A 257 -15.26 -17.81 -23.75
CA LEU A 257 -14.40 -18.76 -23.07
C LEU A 257 -13.78 -18.14 -21.82
N GLN A 258 -13.36 -16.88 -21.92
CA GLN A 258 -12.77 -16.22 -20.76
C GLN A 258 -13.82 -16.04 -19.68
N THR A 259 -15.05 -15.70 -20.09
CA THR A 259 -16.14 -15.53 -19.13
C THR A 259 -16.38 -16.83 -18.37
N GLU A 260 -16.40 -17.95 -19.08
CA GLU A 260 -16.63 -19.24 -18.44
C GLU A 260 -15.47 -19.59 -17.51
N CYS A 261 -14.25 -19.22 -17.89
CA CYS A 261 -13.10 -19.48 -17.05
C CYS A 261 -13.22 -18.67 -15.76
N ASN A 262 -13.67 -17.43 -15.88
CA ASN A 262 -13.81 -16.57 -14.72
C ASN A 262 -14.93 -16.99 -13.77
N LYS A 263 -15.97 -17.61 -14.30
CA LYS A 263 -17.05 -18.10 -13.44
C LYS A 263 -16.43 -19.16 -12.53
N VAL A 264 -15.53 -19.94 -13.10
CA VAL A 264 -14.84 -21.00 -12.37
C VAL A 264 -13.83 -20.40 -11.39
N ILE A 265 -13.05 -19.43 -11.86
CA ILE A 265 -12.07 -18.79 -11.00
C ILE A 265 -12.73 -18.12 -9.80
N ASP A 266 -13.88 -17.47 -10.01
CA ASP A 266 -14.61 -16.85 -8.91
C ASP A 266 -14.82 -17.90 -7.81
N LEU A 267 -15.30 -19.07 -8.22
CA LEU A 267 -15.58 -20.15 -7.27
C LEU A 267 -14.32 -20.64 -6.56
N LEU A 268 -13.28 -20.92 -7.34
CA LEU A 268 -12.03 -21.42 -6.77
C LEU A 268 -11.39 -20.46 -5.77
N ILE A 269 -11.49 -19.16 -6.03
CA ILE A 269 -10.92 -18.20 -5.08
C ILE A 269 -11.75 -18.24 -3.79
N LYS A 270 -13.06 -18.43 -3.93
CA LYS A 270 -13.95 -18.52 -2.78
C LYS A 270 -13.61 -19.75 -1.93
N THR A 271 -13.40 -20.88 -2.60
CA THR A 271 -13.12 -22.13 -1.91
C THR A 271 -11.68 -22.27 -1.44
N GLY A 272 -10.79 -21.53 -2.09
CA GLY A 272 -9.37 -21.63 -1.80
C GLY A 272 -8.87 -22.24 -3.10
N LEU A 273 -7.99 -21.55 -3.81
CA LEU A 273 -7.53 -22.00 -5.11
C LEU A 273 -6.94 -23.41 -5.24
N PHE A 274 -5.84 -23.69 -4.56
CA PHE A 274 -5.23 -25.01 -4.70
C PHE A 274 -6.12 -26.16 -4.24
N ARG A 275 -6.72 -26.02 -3.06
CA ARG A 275 -7.58 -27.09 -2.55
C ARG A 275 -8.84 -27.25 -3.39
N GLY A 276 -9.30 -26.16 -3.99
CA GLY A 276 -10.49 -26.24 -4.84
C GLY A 276 -10.15 -27.04 -6.08
N LEU A 277 -9.00 -26.75 -6.67
CA LEU A 277 -8.55 -27.45 -7.86
C LEU A 277 -8.33 -28.93 -7.53
N LYS A 278 -7.71 -29.21 -6.39
CA LYS A 278 -7.46 -30.58 -6.00
C LYS A 278 -8.76 -31.34 -5.78
N THR A 279 -9.75 -30.65 -5.22
CA THR A 279 -11.05 -31.27 -4.98
C THR A 279 -11.73 -31.64 -6.30
N VAL A 280 -11.68 -30.74 -7.28
CA VAL A 280 -12.28 -31.01 -8.58
C VAL A 280 -11.57 -32.21 -9.20
N LEU A 281 -10.24 -32.22 -9.13
CA LEU A 281 -9.45 -33.33 -9.68
C LEU A 281 -9.74 -34.63 -8.93
N HIS A 282 -10.13 -34.52 -7.66
CA HIS A 282 -10.44 -35.71 -6.88
C HIS A 282 -11.76 -36.31 -7.38
N TYR A 283 -12.74 -35.45 -7.65
CA TYR A 283 -14.01 -35.94 -8.14
C TYR A 283 -13.89 -36.47 -9.57
N MET A 284 -12.79 -36.09 -10.24
CA MET A 284 -12.50 -36.57 -11.59
C MET A 284 -11.69 -37.86 -11.50
N ASP A 285 -11.47 -38.33 -10.28
CA ASP A 285 -10.71 -39.55 -10.00
C ASP A 285 -9.24 -39.50 -10.38
N VAL A 286 -8.67 -38.29 -10.42
CA VAL A 286 -7.27 -38.11 -10.74
C VAL A 286 -6.45 -38.02 -9.44
N VAL A 287 -6.95 -37.24 -8.49
CA VAL A 287 -6.27 -37.04 -7.21
C VAL A 287 -6.99 -37.81 -6.09
N SER A 288 -6.26 -38.70 -5.43
CA SER A 288 -6.83 -39.52 -4.35
C SER A 288 -7.33 -38.75 -3.13
N VAL A 289 -6.49 -37.84 -2.64
CA VAL A 289 -6.83 -37.04 -1.46
C VAL A 289 -6.63 -35.58 -1.85
N PRO A 290 -7.71 -34.77 -1.75
CA PRO A 290 -7.66 -33.35 -2.11
C PRO A 290 -7.10 -32.36 -1.09
N LEU A 291 -6.25 -32.81 -0.19
CA LEU A 291 -5.71 -31.91 0.82
C LEU A 291 -4.45 -31.14 0.42
N CYS A 292 -4.31 -29.95 1.01
CA CYS A 292 -3.14 -29.11 0.83
C CYS A 292 -2.41 -29.26 2.16
N ARG A 293 -1.16 -28.84 2.23
CA ARG A 293 -0.42 -28.96 3.49
C ARG A 293 -0.75 -27.81 4.45
N LYS A 294 -0.77 -28.09 5.74
CA LYS A 294 -1.03 -27.06 6.74
C LYS A 294 0.08 -26.02 6.58
N PRO A 295 -0.21 -24.74 6.87
CA PRO A 295 -1.47 -24.15 7.35
C PRO A 295 -2.70 -24.06 6.45
N PHE A 296 -2.63 -24.56 5.20
CA PHE A 296 -3.82 -24.54 4.36
C PHE A 296 -4.85 -25.45 5.04
N GLY A 297 -6.08 -24.97 5.16
CA GLY A 297 -7.12 -25.79 5.79
C GLY A 297 -7.90 -26.56 4.73
N PRO A 298 -8.87 -27.38 5.14
CA PRO A 298 -9.65 -28.15 4.17
C PRO A 298 -10.72 -27.26 3.54
N VAL A 299 -11.39 -27.78 2.51
CA VAL A 299 -12.45 -27.02 1.84
C VAL A 299 -13.69 -27.02 2.72
N ASP A 300 -14.36 -25.88 2.81
CA ASP A 300 -15.59 -25.77 3.59
C ASP A 300 -16.61 -26.66 2.89
N GLU A 301 -17.25 -27.56 3.63
CA GLU A 301 -18.21 -28.47 3.03
C GLU A 301 -19.37 -27.79 2.29
N LYS A 302 -19.63 -26.53 2.59
CA LYS A 302 -20.72 -25.83 1.91
C LYS A 302 -20.44 -25.64 0.42
N TYR A 303 -19.17 -25.79 0.02
CA TYR A 303 -18.79 -25.62 -1.37
C TYR A 303 -18.74 -26.91 -2.19
N LEU A 304 -18.87 -28.06 -1.53
CA LEU A 304 -18.78 -29.33 -2.25
C LEU A 304 -19.83 -29.50 -3.35
N PRO A 305 -21.07 -29.03 -3.14
CA PRO A 305 -22.06 -29.19 -4.21
C PRO A 305 -21.62 -28.50 -5.50
N GLU A 306 -21.10 -27.28 -5.39
CA GLU A 306 -20.64 -26.56 -6.56
C GLU A 306 -19.41 -27.20 -7.18
N LEU A 307 -18.49 -27.68 -6.35
CA LEU A 307 -17.27 -28.31 -6.85
C LEU A 307 -17.58 -29.65 -7.54
N LYS A 308 -18.52 -30.42 -6.99
CA LYS A 308 -18.89 -31.68 -7.62
C LYS A 308 -19.56 -31.41 -8.96
N ALA A 309 -20.43 -30.40 -9.00
CA ALA A 309 -21.13 -30.06 -10.23
C ALA A 309 -20.15 -29.57 -11.30
N LEU A 310 -19.14 -28.81 -10.88
CA LEU A 310 -18.14 -28.31 -11.82
C LEU A 310 -17.34 -29.48 -12.40
N ALA A 311 -16.97 -30.43 -11.56
CA ALA A 311 -16.20 -31.59 -12.03
C ALA A 311 -17.03 -32.37 -13.06
N GLN A 312 -18.31 -32.57 -12.77
CA GLN A 312 -19.21 -33.27 -13.68
C GLN A 312 -19.30 -32.53 -15.01
N GLN A 313 -19.46 -31.22 -14.93
CA GLN A 313 -19.58 -30.37 -16.10
C GLN A 313 -18.33 -30.44 -16.98
N LEU A 314 -17.17 -30.29 -16.35
CA LEU A 314 -15.90 -30.33 -17.08
C LEU A 314 -15.60 -31.68 -17.70
N MET A 315 -16.00 -32.76 -17.04
CA MET A 315 -15.76 -34.09 -17.58
C MET A 315 -16.59 -34.32 -18.83
N GLN A 316 -17.81 -33.78 -18.83
CA GLN A 316 -18.70 -33.93 -19.97
C GLN A 316 -18.25 -33.02 -21.11
N GLU A 317 -17.79 -31.83 -20.77
CA GLU A 317 -17.33 -30.85 -21.75
C GLU A 317 -16.20 -31.38 -22.62
N ARG A 318 -15.19 -31.96 -21.99
CA ARG A 318 -14.05 -32.49 -22.73
C ARG A 318 -13.10 -33.20 -21.78
N ALA B 24 4.16 33.36 24.54
CA ALA B 24 5.60 33.08 24.23
C ALA B 24 6.02 33.82 22.95
N THR B 25 7.33 33.93 22.74
CA THR B 25 7.86 34.60 21.56
C THR B 25 8.19 33.60 20.46
N ASN B 26 7.56 32.43 20.53
CA ASN B 26 7.76 31.38 19.53
C ASN B 26 6.45 30.66 19.26
N LEU B 27 6.49 29.72 18.32
CA LEU B 27 5.31 28.95 17.94
C LEU B 27 5.20 27.59 18.61
N ARG B 28 6.13 27.26 19.49
CA ARG B 28 6.11 25.98 20.18
C ARG B 28 4.94 25.88 21.16
N GLY B 29 4.31 24.72 21.24
CA GLY B 29 3.21 24.56 22.16
C GLY B 29 2.13 23.56 21.78
N VAL B 30 1.04 23.59 22.52
CA VAL B 30 -0.10 22.71 22.33
C VAL B 30 -1.22 23.54 21.71
N MET B 31 -1.53 23.28 20.45
CA MET B 31 -2.56 24.01 19.72
C MET B 31 -3.71 23.13 19.29
N ALA B 32 -4.93 23.57 19.57
CA ALA B 32 -6.10 22.79 19.17
C ALA B 32 -6.44 23.05 17.71
N ALA B 33 -6.75 21.97 16.98
CA ALA B 33 -7.16 22.10 15.59
C ALA B 33 -8.64 22.42 15.74
N LEU B 34 -9.01 23.65 15.41
CA LEU B 34 -10.38 24.13 15.57
C LEU B 34 -11.44 23.51 14.67
N LEU B 35 -12.59 23.18 15.27
CA LEU B 35 -13.72 22.62 14.52
C LEU B 35 -14.56 23.80 14.05
N THR B 36 -15.37 23.60 13.00
CA THR B 36 -16.22 24.67 12.50
C THR B 36 -17.68 24.34 12.78
N PRO B 37 -18.30 25.00 13.78
CA PRO B 37 -19.71 24.74 14.12
C PRO B 37 -20.65 25.20 13.02
N PHE B 38 -21.65 24.38 12.70
CA PHE B 38 -22.62 24.71 11.66
C PHE B 38 -24.01 24.65 12.28
N ASP B 39 -24.98 25.30 11.64
CA ASP B 39 -26.35 25.27 12.14
C ASP B 39 -27.08 24.13 11.43
N GLN B 40 -28.40 24.03 11.65
CA GLN B 40 -29.19 22.98 11.03
C GLN B 40 -29.15 23.03 9.50
N GLN B 41 -28.85 24.21 8.95
CA GLN B 41 -28.79 24.37 7.50
C GLN B 41 -27.39 24.16 6.94
N GLN B 42 -26.48 23.69 7.79
CA GLN B 42 -25.10 23.43 7.39
C GLN B 42 -24.32 24.71 7.09
N ALA B 43 -24.84 25.83 7.58
CA ALA B 43 -24.17 27.12 7.39
C ALA B 43 -23.41 27.43 8.67
N LEU B 44 -22.40 28.29 8.57
CA LEU B 44 -21.60 28.65 9.74
C LEU B 44 -22.43 29.18 10.91
N ASP B 45 -22.21 28.61 12.09
CA ASP B 45 -22.90 29.05 13.30
C ASP B 45 -21.89 29.95 14.02
N LYS B 46 -21.93 31.24 13.72
CA LYS B 46 -21.00 32.20 14.31
C LYS B 46 -20.96 32.21 15.82
N ALA B 47 -22.13 32.19 16.46
CA ALA B 47 -22.20 32.20 17.91
C ALA B 47 -21.47 31.02 18.52
N SER B 48 -21.64 29.84 17.92
CA SER B 48 -20.99 28.62 18.42
C SER B 48 -19.49 28.68 18.17
N LEU B 49 -19.09 29.23 17.04
CA LEU B 49 -17.67 29.35 16.72
C LEU B 49 -16.99 30.21 17.78
N ARG B 50 -17.59 31.35 18.10
CA ARG B 50 -17.03 32.24 19.11
C ARG B 50 -16.95 31.52 20.45
N ARG B 51 -17.99 30.80 20.81
CA ARG B 51 -18.00 30.07 22.07
C ARG B 51 -16.87 29.04 22.11
N LEU B 52 -16.66 28.34 20.99
CA LEU B 52 -15.61 27.32 20.93
C LEU B 52 -14.23 27.95 21.08
N VAL B 53 -14.03 29.10 20.45
CA VAL B 53 -12.74 29.78 20.55
C VAL B 53 -12.49 30.15 22.01
N GLN B 54 -13.49 30.76 22.65
CA GLN B 54 -13.35 31.15 24.05
C GLN B 54 -13.18 29.93 24.95
N PHE B 55 -13.87 28.84 24.62
CA PHE B 55 -13.79 27.61 25.40
C PHE B 55 -12.35 27.11 25.41
N ASN B 56 -11.72 27.11 24.24
CA ASN B 56 -10.34 26.66 24.12
C ASN B 56 -9.39 27.55 24.93
N ILE B 57 -9.61 28.85 24.87
CA ILE B 57 -8.76 29.78 25.61
C ILE B 57 -8.83 29.50 27.10
N GLN B 58 -10.04 29.27 27.61
CA GLN B 58 -10.22 28.98 29.04
C GLN B 58 -9.57 27.66 29.47
N GLN B 59 -9.41 26.73 28.53
CA GLN B 59 -8.79 25.45 28.84
C GLN B 59 -7.29 25.60 29.00
N GLY B 60 -6.77 26.77 28.65
CA GLY B 60 -5.34 27.02 28.78
C GLY B 60 -4.55 26.55 27.56
N ILE B 61 -5.20 26.54 26.40
CA ILE B 61 -4.55 26.13 25.16
C ILE B 61 -3.55 27.21 24.78
N ASP B 62 -2.48 26.84 24.07
CA ASP B 62 -1.47 27.82 23.67
C ASP B 62 -1.82 28.55 22.38
N GLY B 63 -2.67 27.93 21.56
CA GLY B 63 -3.05 28.54 20.31
C GLY B 63 -4.07 27.71 19.56
N LEU B 64 -4.43 28.17 18.36
CA LEU B 64 -5.40 27.46 17.53
C LEU B 64 -4.89 27.32 16.10
N TYR B 65 -5.16 26.17 15.51
CA TYR B 65 -4.78 25.87 14.13
C TYR B 65 -6.14 25.94 13.42
N VAL B 66 -6.31 26.96 12.60
CA VAL B 66 -7.58 27.21 11.92
C VAL B 66 -7.64 26.94 10.42
N GLY B 67 -8.74 26.32 10.00
CA GLY B 67 -8.93 26.05 8.58
C GLY B 67 -8.25 24.80 8.04
N GLY B 68 -7.91 23.87 8.93
CA GLY B 68 -7.28 22.64 8.50
C GLY B 68 -8.32 21.56 8.29
N SER B 69 -7.90 20.30 8.27
CA SER B 69 -8.80 19.17 8.08
C SER B 69 -9.98 19.21 9.06
N THR B 70 -9.65 19.44 10.33
CA THR B 70 -10.62 19.46 11.42
C THR B 70 -11.69 20.55 11.31
N GLY B 71 -11.37 21.64 10.64
CA GLY B 71 -12.36 22.71 10.49
C GLY B 71 -13.23 22.45 9.27
N GLU B 72 -13.12 21.25 8.71
CA GLU B 72 -13.86 20.86 7.52
C GLU B 72 -13.64 21.83 6.37
N ALA B 73 -12.40 22.33 6.27
CA ALA B 73 -12.04 23.29 5.24
C ALA B 73 -12.22 22.76 3.82
N PHE B 74 -12.06 21.46 3.63
CA PHE B 74 -12.18 20.90 2.29
C PHE B 74 -13.60 20.70 1.78
N VAL B 75 -14.58 21.05 2.60
CA VAL B 75 -15.99 21.00 2.20
C VAL B 75 -16.53 22.41 2.44
N GLN B 76 -15.61 23.37 2.38
CA GLN B 76 -15.92 24.79 2.56
C GLN B 76 -15.38 25.56 1.35
N SER B 77 -16.00 26.69 1.03
CA SER B 77 -15.54 27.51 -0.08
C SER B 77 -14.40 28.39 0.43
N LEU B 78 -13.69 29.03 -0.48
CA LEU B 78 -12.59 29.91 -0.06
C LEU B 78 -13.12 31.04 0.81
N SER B 79 -14.25 31.62 0.44
CA SER B 79 -14.83 32.72 1.21
C SER B 79 -15.30 32.27 2.58
N GLU B 80 -15.79 31.03 2.69
CA GLU B 80 -16.25 30.51 3.97
C GLU B 80 -15.06 30.30 4.89
N ARG B 81 -13.95 29.81 4.34
CA ARG B 81 -12.74 29.59 5.13
C ARG B 81 -12.23 30.92 5.63
N GLU B 82 -12.29 31.94 4.78
CA GLU B 82 -11.83 33.28 5.15
C GLU B 82 -12.70 33.84 6.26
N GLN B 83 -14.01 33.60 6.18
CA GLN B 83 -14.93 34.10 7.19
C GLN B 83 -14.56 33.56 8.57
N VAL B 84 -14.21 32.28 8.61
CA VAL B 84 -13.82 31.67 9.87
C VAL B 84 -12.53 32.30 10.39
N LEU B 85 -11.57 32.51 9.49
CA LEU B 85 -10.31 33.12 9.90
C LEU B 85 -10.54 34.49 10.53
N GLU B 86 -11.37 35.30 9.88
CA GLU B 86 -11.65 36.64 10.38
C GLU B 86 -12.28 36.61 11.77
N ILE B 87 -13.28 35.77 11.97
CA ILE B 87 -13.95 35.69 13.26
C ILE B 87 -13.03 35.19 14.36
N VAL B 88 -12.24 34.14 14.09
CA VAL B 88 -11.34 33.63 15.12
C VAL B 88 -10.33 34.70 15.53
N ALA B 89 -9.84 35.47 14.56
CA ALA B 89 -8.88 36.53 14.83
C ALA B 89 -9.54 37.58 15.74
N GLU B 90 -10.79 37.92 15.44
CA GLU B 90 -11.52 38.90 16.24
C GLU B 90 -11.60 38.43 17.68
N GLU B 91 -11.81 37.12 17.86
CA GLU B 91 -11.96 36.53 19.18
C GLU B 91 -10.69 36.24 19.97
N ALA B 92 -9.61 35.86 19.28
CA ALA B 92 -8.39 35.49 20.01
C ALA B 92 -7.07 36.16 19.66
N LYS B 93 -7.03 37.02 18.65
CA LYS B 93 -5.78 37.67 18.32
C LYS B 93 -5.22 38.38 19.55
N GLY B 94 -3.95 38.13 19.85
CA GLY B 94 -3.33 38.75 21.01
C GLY B 94 -3.51 38.00 22.32
N LYS B 95 -4.41 37.02 22.32
CA LYS B 95 -4.67 36.24 23.53
C LYS B 95 -3.92 34.91 23.47
N ILE B 96 -3.92 34.29 22.30
CA ILE B 96 -3.21 33.03 22.09
C ILE B 96 -2.67 33.04 20.66
N LYS B 97 -1.77 32.12 20.36
CA LYS B 97 -1.19 32.05 19.02
C LYS B 97 -2.23 31.56 18.01
N LEU B 98 -2.16 32.10 16.80
CA LEU B 98 -3.09 31.72 15.75
C LEU B 98 -2.38 31.33 14.47
N ILE B 99 -2.61 30.09 14.03
CA ILE B 99 -2.02 29.57 12.81
C ILE B 99 -3.14 29.35 11.81
N ALA B 100 -2.99 29.92 10.63
CA ALA B 100 -4.00 29.78 9.59
C ALA B 100 -3.63 28.75 8.54
N HIS B 101 -4.40 27.68 8.45
CA HIS B 101 -4.12 26.69 7.41
C HIS B 101 -4.80 27.23 6.17
N VAL B 102 -3.99 27.64 5.20
CA VAL B 102 -4.49 28.22 3.95
C VAL B 102 -4.36 27.28 2.77
N GLY B 103 -3.94 26.04 3.03
CA GLY B 103 -3.74 25.09 1.95
C GLY B 103 -4.93 24.62 1.15
N CYS B 104 -4.74 24.59 -0.17
CA CYS B 104 -5.73 24.13 -1.14
C CYS B 104 -4.90 23.38 -2.16
N VAL B 105 -5.54 22.67 -3.09
CA VAL B 105 -4.79 21.98 -4.12
C VAL B 105 -4.18 23.06 -5.00
N SER B 106 -4.98 24.08 -5.28
CA SER B 106 -4.56 25.22 -6.09
C SER B 106 -3.58 26.12 -5.34
N THR B 107 -2.50 26.52 -6.01
CA THR B 107 -1.53 27.40 -5.39
C THR B 107 -2.15 28.80 -5.24
N ALA B 108 -2.82 29.25 -6.31
CA ALA B 108 -3.44 30.56 -6.33
C ALA B 108 -4.48 30.73 -5.22
N GLU B 109 -5.29 29.70 -4.97
CA GLU B 109 -6.29 29.78 -3.92
C GLU B 109 -5.61 29.84 -2.55
N SER B 110 -4.55 29.05 -2.40
CA SER B 110 -3.81 29.01 -1.14
C SER B 110 -3.20 30.39 -0.87
N GLN B 111 -2.73 31.04 -1.93
CA GLN B 111 -2.14 32.37 -1.81
C GLN B 111 -3.17 33.40 -1.38
N GLN B 112 -4.40 33.25 -1.84
CA GLN B 112 -5.47 34.18 -1.46
C GLN B 112 -5.71 34.11 0.04
N LEU B 113 -5.81 32.89 0.57
CA LEU B 113 -6.04 32.72 1.99
C LEU B 113 -4.84 33.19 2.81
N ALA B 114 -3.64 33.05 2.26
CA ALA B 114 -2.44 33.48 2.97
C ALA B 114 -2.47 35.00 3.13
N ALA B 115 -2.84 35.70 2.05
CA ALA B 115 -2.93 37.15 2.09
C ALA B 115 -3.99 37.58 3.10
N SER B 116 -5.07 36.82 3.19
CA SER B 116 -6.12 37.14 4.14
C SER B 116 -5.62 36.93 5.57
N ALA B 117 -4.93 35.83 5.81
CA ALA B 117 -4.39 35.53 7.14
C ALA B 117 -3.47 36.66 7.59
N LYS B 118 -2.68 37.18 6.67
CA LYS B 118 -1.75 38.28 6.97
C LYS B 118 -2.57 39.50 7.38
N ARG B 119 -3.59 39.83 6.59
CA ARG B 119 -4.45 40.97 6.86
C ARG B 119 -5.13 40.87 8.23
N TYR B 120 -5.58 39.67 8.60
CA TYR B 120 -6.26 39.48 9.87
C TYR B 120 -5.34 39.39 11.07
N GLY B 121 -4.03 39.40 10.83
CA GLY B 121 -3.09 39.36 11.94
C GLY B 121 -2.77 38.01 12.54
N PHE B 122 -2.81 36.95 11.75
CA PHE B 122 -2.48 35.64 12.26
C PHE B 122 -0.97 35.60 12.51
N ASP B 123 -0.53 34.65 13.33
CA ASP B 123 0.89 34.53 13.66
C ASP B 123 1.67 33.70 12.65
N ALA B 124 0.97 32.88 11.89
CA ALA B 124 1.64 32.04 10.90
C ALA B 124 0.62 31.43 9.95
N VAL B 125 1.12 30.83 8.87
CA VAL B 125 0.26 30.17 7.90
C VAL B 125 0.72 28.72 7.80
N SER B 126 -0.11 27.87 7.23
CA SER B 126 0.23 26.47 7.07
C SER B 126 -0.45 25.95 5.81
N ALA B 127 0.12 24.92 5.20
CA ALA B 127 -0.47 24.37 3.99
C ALA B 127 -0.16 22.90 3.83
N VAL B 128 -1.20 22.10 3.64
CA VAL B 128 -1.03 20.67 3.43
C VAL B 128 -0.43 20.49 2.05
N THR B 129 0.34 19.42 1.86
CA THR B 129 0.93 19.14 0.56
C THR B 129 -0.24 18.99 -0.41
N PRO B 130 -0.22 19.72 -1.55
CA PRO B 130 -1.34 19.60 -2.49
C PRO B 130 -1.61 18.15 -2.89
N PHE B 131 -2.88 17.78 -2.87
CA PHE B 131 -3.28 16.40 -3.15
C PHE B 131 -4.09 16.12 -4.42
N TYR B 132 -4.54 14.87 -4.53
CA TYR B 132 -5.31 14.33 -5.65
C TYR B 132 -4.43 14.13 -6.87
N TYR B 133 -3.97 15.22 -7.48
CA TYR B 133 -3.09 15.13 -8.63
C TYR B 133 -1.67 14.85 -8.15
N PRO B 134 -0.92 14.01 -8.87
CA PRO B 134 0.46 13.74 -8.45
C PRO B 134 1.32 14.92 -8.89
N PHE B 135 2.05 15.51 -7.96
CA PHE B 135 2.92 16.64 -8.29
C PHE B 135 4.36 16.22 -8.00
N SER B 136 5.31 16.78 -8.75
CA SER B 136 6.71 16.45 -8.52
C SER B 136 7.12 17.13 -7.22
N PHE B 137 8.25 16.71 -6.64
CA PHE B 137 8.70 17.33 -5.41
C PHE B 137 9.04 18.80 -5.66
N GLU B 138 9.60 19.09 -6.83
CA GLU B 138 9.94 20.48 -7.16
C GLU B 138 8.68 21.32 -7.18
N GLU B 139 7.59 20.78 -7.72
CA GLU B 139 6.33 21.51 -7.78
C GLU B 139 5.81 21.75 -6.36
N HIS B 140 5.99 20.79 -5.47
CA HIS B 140 5.55 20.97 -4.09
C HIS B 140 6.36 22.11 -3.49
N CYS B 141 7.67 22.11 -3.73
CA CYS B 141 8.52 23.17 -3.21
C CYS B 141 8.08 24.54 -3.69
N ASP B 142 7.87 24.68 -4.99
CA ASP B 142 7.43 25.97 -5.55
C ASP B 142 6.09 26.41 -4.99
N HIS B 143 5.23 25.42 -4.69
CA HIS B 143 3.92 25.67 -4.11
C HIS B 143 4.10 26.38 -2.77
N TYR B 144 4.95 25.81 -1.91
CA TYR B 144 5.20 26.42 -0.60
C TYR B 144 5.85 27.81 -0.74
N ARG B 145 6.78 27.95 -1.68
CA ARG B 145 7.45 29.23 -1.88
C ARG B 145 6.45 30.31 -2.24
N ALA B 146 5.53 29.99 -3.15
CA ALA B 146 4.52 30.94 -3.60
C ALA B 146 3.59 31.37 -2.47
N ILE B 147 3.21 30.43 -1.61
CA ILE B 147 2.32 30.74 -0.50
C ILE B 147 3.08 31.59 0.53
N ILE B 148 4.35 31.29 0.74
CA ILE B 148 5.16 32.06 1.69
C ILE B 148 5.26 33.51 1.20
N ASP B 149 5.39 33.67 -0.11
CA ASP B 149 5.47 35.00 -0.70
C ASP B 149 4.20 35.79 -0.36
N SER B 150 3.04 35.18 -0.59
CA SER B 150 1.77 35.84 -0.30
C SER B 150 1.54 36.07 1.19
N ALA B 151 2.16 35.26 2.03
CA ALA B 151 2.01 35.38 3.48
C ALA B 151 2.67 36.66 4.01
N ASP B 152 3.45 37.28 3.13
CA ASP B 152 4.10 38.56 3.44
C ASP B 152 4.74 38.67 4.83
N GLY B 153 5.59 37.72 5.18
CA GLY B 153 6.26 37.77 6.46
C GLY B 153 5.88 36.71 7.47
N LEU B 154 4.65 36.21 7.41
CA LEU B 154 4.22 35.20 8.36
C LEU B 154 4.96 33.89 8.08
N PRO B 155 5.49 33.25 9.13
CA PRO B 155 6.20 31.99 8.93
C PRO B 155 5.27 30.88 8.46
N MET B 156 5.81 29.95 7.70
CA MET B 156 5.04 28.82 7.17
C MET B 156 5.22 27.56 7.99
N VAL B 157 4.12 26.86 8.22
CA VAL B 157 4.16 25.59 8.94
C VAL B 157 3.85 24.52 7.90
N VAL B 158 4.88 23.78 7.47
CA VAL B 158 4.70 22.73 6.49
C VAL B 158 3.80 21.68 7.15
N TYR B 159 2.89 21.09 6.38
CA TYR B 159 1.94 20.11 6.90
C TYR B 159 2.07 18.77 6.17
N ASN B 160 2.60 17.77 6.88
CA ASN B 160 2.82 16.43 6.35
C ASN B 160 1.75 15.49 6.94
N ILE B 161 0.85 15.00 6.11
CA ILE B 161 -0.21 14.09 6.56
C ILE B 161 -0.53 13.10 5.45
N PRO B 162 0.40 12.16 5.19
CA PRO B 162 0.27 11.14 4.16
C PRO B 162 -1.02 10.33 4.14
N ALA B 163 -1.57 10.01 5.31
CA ALA B 163 -2.79 9.22 5.37
C ALA B 163 -3.96 9.86 4.61
N LEU B 164 -4.11 11.17 4.73
CA LEU B 164 -5.21 11.86 4.06
C LEU B 164 -4.83 12.46 2.71
N SER B 165 -3.61 12.96 2.59
CA SER B 165 -3.16 13.59 1.35
C SER B 165 -2.73 12.60 0.27
N GLY B 166 -2.22 11.44 0.70
CA GLY B 166 -1.76 10.46 -0.26
C GLY B 166 -0.36 10.78 -0.75
N VAL B 167 0.22 11.85 -0.19
CA VAL B 167 1.57 12.27 -0.57
C VAL B 167 2.57 11.68 0.43
N LYS B 168 3.48 10.85 -0.06
CA LYS B 168 4.48 10.21 0.78
C LYS B 168 5.86 10.79 0.52
N LEU B 169 6.33 11.64 1.43
CA LEU B 169 7.63 12.28 1.29
C LEU B 169 8.72 11.48 1.98
N THR B 170 9.94 11.59 1.45
CA THR B 170 11.08 10.91 2.05
C THR B 170 11.64 11.85 3.09
N LEU B 171 12.54 11.35 3.95
CA LEU B 171 13.14 12.19 4.97
C LEU B 171 13.90 13.34 4.31
N ASP B 172 14.64 13.06 3.24
CA ASP B 172 15.40 14.10 2.55
C ASP B 172 14.48 15.19 2.02
N GLN B 173 13.32 14.80 1.53
CA GLN B 173 12.37 15.78 0.99
C GLN B 173 11.79 16.62 2.12
N ILE B 174 11.51 15.99 3.25
CA ILE B 174 10.98 16.72 4.39
C ILE B 174 12.04 17.72 4.87
N ASN B 175 13.31 17.29 4.88
CA ASN B 175 14.39 18.17 5.31
C ASN B 175 14.49 19.39 4.40
N THR B 176 14.28 19.18 3.10
CA THR B 176 14.34 20.27 2.14
C THR B 176 13.18 21.24 2.33
N LEU B 177 11.98 20.70 2.58
CA LEU B 177 10.82 21.55 2.78
C LEU B 177 10.92 22.41 4.03
N VAL B 178 11.34 21.82 5.14
CA VAL B 178 11.43 22.58 6.38
C VAL B 178 12.55 23.61 6.39
N THR B 179 13.44 23.55 5.42
CA THR B 179 14.53 24.50 5.34
C THR B 179 14.31 25.55 4.25
N LEU B 180 13.15 25.52 3.61
CA LEU B 180 12.84 26.51 2.58
C LEU B 180 12.78 27.87 3.27
N PRO B 181 13.22 28.94 2.58
CA PRO B 181 13.18 30.28 3.20
C PRO B 181 11.76 30.62 3.65
N GLY B 182 11.62 31.06 4.89
CA GLY B 182 10.31 31.42 5.41
C GLY B 182 9.57 30.34 6.18
N VAL B 183 10.08 29.11 6.16
CA VAL B 183 9.44 28.02 6.89
C VAL B 183 9.94 28.02 8.34
N GLY B 184 9.00 28.00 9.29
CA GLY B 184 9.38 28.01 10.69
C GLY B 184 8.87 26.87 11.53
N ALA B 185 8.22 25.88 10.90
CA ALA B 185 7.70 24.74 11.66
C ALA B 185 7.15 23.64 10.76
N LEU B 186 6.96 22.47 11.37
CA LEU B 186 6.42 21.32 10.67
C LEU B 186 5.32 20.68 11.51
N LYS B 187 4.15 20.47 10.93
CA LYS B 187 3.10 19.77 11.65
C LYS B 187 3.27 18.37 11.08
N GLN B 188 3.70 17.45 11.93
CA GLN B 188 3.97 16.09 11.53
C GLN B 188 2.86 15.11 11.90
N THR B 189 1.88 14.94 11.02
CA THR B 189 0.81 14.00 11.29
C THR B 189 1.21 12.68 10.66
N SER B 190 2.14 12.00 11.34
CA SER B 190 2.67 10.71 10.94
C SER B 190 2.93 9.90 12.21
N GLY B 191 2.68 8.60 12.13
CA GLY B 191 2.89 7.74 13.29
C GLY B 191 4.28 7.12 13.29
N ASP B 192 5.12 7.55 12.35
CA ASP B 192 6.49 7.03 12.25
C ASP B 192 7.36 7.83 13.22
N LEU B 193 7.62 7.26 14.40
CA LEU B 193 8.42 7.98 15.39
C LEU B 193 9.93 7.85 15.18
N TYR B 194 10.34 7.04 14.22
CA TYR B 194 11.76 6.92 13.89
C TYR B 194 12.00 8.20 13.09
N GLN B 195 11.10 8.50 12.16
CA GLN B 195 11.24 9.70 11.35
C GLN B 195 11.12 10.96 12.22
N MET B 196 10.26 10.91 13.23
CA MET B 196 10.10 12.05 14.13
C MET B 196 11.45 12.38 14.78
N GLU B 197 12.14 11.34 15.25
CA GLU B 197 13.44 11.52 15.89
C GLU B 197 14.49 12.01 14.89
N GLN B 198 14.47 11.46 13.67
CA GLN B 198 15.42 11.86 12.64
C GLN B 198 15.26 13.34 12.29
N ILE B 199 14.01 13.79 12.25
CA ILE B 199 13.73 15.18 11.94
C ILE B 199 14.30 16.07 13.05
N ARG B 200 14.06 15.69 14.30
CA ARG B 200 14.57 16.47 15.43
C ARG B 200 16.10 16.49 15.43
N ARG B 201 16.71 15.36 15.13
CA ARG B 201 18.18 15.25 15.11
C ARG B 201 18.77 16.18 14.05
N GLU B 202 18.13 16.25 12.88
CA GLU B 202 18.60 17.09 11.79
C GLU B 202 18.31 18.58 12.01
N HIS B 203 17.22 18.88 12.71
CA HIS B 203 16.80 20.26 12.97
C HIS B 203 16.54 20.50 14.45
N PRO B 204 17.62 20.72 15.23
CA PRO B 204 17.54 20.96 16.68
C PRO B 204 16.61 22.07 17.14
N ASP B 205 16.50 23.14 16.36
CA ASP B 205 15.67 24.28 16.75
C ASP B 205 14.30 24.37 16.08
N LEU B 206 13.98 23.37 15.26
CA LEU B 206 12.70 23.35 14.55
C LEU B 206 11.48 23.14 15.45
N VAL B 207 10.44 23.94 15.21
CA VAL B 207 9.19 23.78 15.95
C VAL B 207 8.57 22.55 15.29
N LEU B 208 8.32 21.52 16.07
CA LEU B 208 7.81 20.25 15.54
C LEU B 208 6.55 19.78 16.25
N TYR B 209 5.40 19.92 15.59
CA TYR B 209 4.12 19.52 16.17
C TYR B 209 3.72 18.07 15.92
N ASN B 210 3.44 17.34 17.00
CA ASN B 210 2.99 15.96 16.90
C ASN B 210 1.55 16.06 16.36
N GLY B 211 1.24 15.30 15.31
CA GLY B 211 -0.08 15.37 14.70
C GLY B 211 -1.12 14.32 15.08
N TYR B 212 -0.68 13.16 15.58
CA TYR B 212 -1.63 12.14 16.00
C TYR B 212 -1.77 12.16 17.51
N ASP B 213 -2.91 12.65 17.98
CA ASP B 213 -3.18 12.77 19.41
C ASP B 213 -2.95 11.47 20.18
N GLU B 214 -3.29 10.34 19.57
CA GLU B 214 -3.16 9.06 20.23
C GLU B 214 -1.75 8.55 20.52
N ILE B 215 -0.73 9.30 20.10
CA ILE B 215 0.66 8.91 20.38
C ILE B 215 1.44 10.14 20.87
N PHE B 216 0.70 11.14 21.30
CA PHE B 216 1.28 12.41 21.79
C PHE B 216 2.48 12.24 22.73
N ALA B 217 2.30 11.49 23.81
CA ALA B 217 3.39 11.29 24.77
C ALA B 217 4.62 10.70 24.10
N SER B 218 4.43 9.66 23.29
CA SER B 218 5.54 9.02 22.59
C SER B 218 6.13 9.95 21.54
N GLY B 219 5.29 10.79 20.95
CA GLY B 219 5.75 11.74 19.94
C GLY B 219 6.68 12.76 20.56
N LEU B 220 6.31 13.27 21.73
CA LEU B 220 7.15 14.24 22.42
C LEU B 220 8.47 13.57 22.80
N LEU B 221 8.39 12.35 23.30
CA LEU B 221 9.61 11.65 23.69
C LEU B 221 10.55 11.45 22.50
N ALA B 222 9.96 11.24 21.32
CA ALA B 222 10.74 11.03 20.10
C ALA B 222 11.39 12.31 19.57
N GLY B 223 10.86 13.47 19.95
CA GLY B 223 11.45 14.70 19.47
C GLY B 223 10.51 15.87 19.23
N ALA B 224 9.21 15.62 19.15
CA ALA B 224 8.26 16.72 18.94
C ALA B 224 8.31 17.64 20.16
N ASP B 225 8.12 18.94 19.96
CA ASP B 225 8.15 19.87 21.09
C ASP B 225 6.80 20.54 21.33
N GLY B 226 5.75 19.92 20.78
CA GLY B 226 4.41 20.43 20.93
C GLY B 226 3.48 19.58 20.09
N GLY B 227 2.26 20.06 19.89
CA GLY B 227 1.32 19.30 19.09
C GLY B 227 0.11 20.10 18.67
N ILE B 228 -0.56 19.60 17.63
CA ILE B 228 -1.77 20.21 17.11
C ILE B 228 -2.73 19.04 16.99
N GLY B 229 -3.90 19.15 17.59
CA GLY B 229 -4.85 18.05 17.52
C GLY B 229 -6.31 18.39 17.69
N SER B 230 -7.17 17.59 17.07
CA SER B 230 -8.62 17.77 17.13
C SER B 230 -9.22 17.55 18.51
N THR B 231 -8.73 16.54 19.23
CA THR B 231 -9.27 16.23 20.54
C THR B 231 -8.92 17.25 21.61
N TYR B 232 -8.01 18.17 21.30
CA TYR B 232 -7.62 19.21 22.26
C TYR B 232 -8.83 20.09 22.59
N ASN B 233 -9.80 20.14 21.67
CA ASN B 233 -11.01 20.94 21.86
C ASN B 233 -11.81 20.54 23.10
N ILE B 234 -11.81 19.25 23.44
CA ILE B 234 -12.58 18.80 24.59
C ILE B 234 -11.76 18.39 25.81
N MET B 235 -10.45 18.27 25.66
CA MET B 235 -9.60 17.87 26.79
C MET B 235 -8.16 18.36 26.64
N GLY B 236 -8.01 19.60 26.16
CA GLY B 236 -6.69 20.16 25.97
C GLY B 236 -5.80 20.15 27.21
N TRP B 237 -6.41 20.28 28.39
CA TRP B 237 -5.64 20.29 29.63
C TRP B 237 -4.91 18.97 29.86
N ARG B 238 -5.40 17.89 29.28
CA ARG B 238 -4.76 16.59 29.45
C ARG B 238 -3.42 16.56 28.72
N TYR B 239 -3.41 17.13 27.51
CA TYR B 239 -2.19 17.18 26.72
C TYR B 239 -1.18 18.13 27.38
N GLN B 240 -1.68 19.22 27.94
CA GLN B 240 -0.80 20.17 28.64
C GLN B 240 -0.23 19.42 29.85
N GLY B 241 -1.05 18.54 30.40
CA GLY B 241 -0.64 17.76 31.56
C GLY B 241 0.46 16.77 31.20
N ILE B 242 0.40 16.24 29.98
CA ILE B 242 1.42 15.29 29.53
C ILE B 242 2.74 16.04 29.32
N VAL B 243 2.66 17.24 28.76
CA VAL B 243 3.85 18.04 28.54
C VAL B 243 4.52 18.33 29.88
N LYS B 244 3.70 18.72 30.86
CA LYS B 244 4.20 19.04 32.19
C LYS B 244 4.81 17.82 32.87
N ALA B 245 4.10 16.69 32.79
CA ALA B 245 4.56 15.45 33.40
C ALA B 245 5.92 15.03 32.86
N LEU B 246 6.09 15.06 31.55
CA LEU B 246 7.37 14.67 30.95
C LEU B 246 8.49 15.65 31.32
N LYS B 247 8.15 16.94 31.39
CA LYS B 247 9.15 17.94 31.73
C LYS B 247 9.64 17.72 33.16
N GLU B 248 8.77 17.19 34.00
CA GLU B 248 9.09 16.92 35.41
C GLU B 248 9.62 15.50 35.62
N GLY B 249 9.70 14.73 34.54
CA GLY B 249 10.19 13.36 34.65
C GLY B 249 9.21 12.40 35.30
N ASP B 250 7.93 12.76 35.29
CA ASP B 250 6.90 11.91 35.85
C ASP B 250 6.33 11.03 34.75
N ILE B 251 7.07 9.99 34.37
CA ILE B 251 6.65 9.08 33.32
C ILE B 251 5.27 8.47 33.56
N GLN B 252 5.04 7.99 34.77
CA GLN B 252 3.75 7.38 35.11
C GLN B 252 2.54 8.27 34.85
N THR B 253 2.64 9.53 35.25
CA THR B 253 1.53 10.46 35.04
C THR B 253 1.31 10.68 33.55
N ALA B 254 2.41 10.78 32.80
CA ALA B 254 2.32 10.99 31.35
C ALA B 254 1.59 9.82 30.70
N GLN B 255 1.96 8.60 31.09
CA GLN B 255 1.33 7.40 30.54
C GLN B 255 -0.15 7.32 30.87
N LYS B 256 -0.48 7.56 32.15
CA LYS B 256 -1.88 7.50 32.57
C LYS B 256 -2.72 8.51 31.81
N LEU B 257 -2.18 9.69 31.56
CA LEU B 257 -2.91 10.71 30.83
C LEU B 257 -3.11 10.30 29.38
N GLN B 258 -2.07 9.73 28.77
CA GLN B 258 -2.18 9.29 27.38
C GLN B 258 -3.22 8.18 27.29
N THR B 259 -3.22 7.28 28.26
CA THR B 259 -4.17 6.17 28.28
C THR B 259 -5.61 6.71 28.30
N GLU B 260 -5.87 7.70 29.14
CA GLU B 260 -7.21 8.29 29.22
C GLU B 260 -7.60 8.96 27.91
N CYS B 261 -6.63 9.63 27.29
CA CYS B 261 -6.90 10.30 26.01
C CYS B 261 -7.26 9.25 24.96
N ASN B 262 -6.55 8.12 24.98
CA ASN B 262 -6.80 7.07 23.99
C ASN B 262 -8.13 6.36 24.21
N LYS B 263 -8.59 6.28 25.46
CA LYS B 263 -9.89 5.67 25.73
C LYS B 263 -10.93 6.53 25.02
N VAL B 264 -10.71 7.84 25.05
CA VAL B 264 -11.61 8.81 24.41
C VAL B 264 -11.48 8.73 22.90
N ILE B 265 -10.25 8.68 22.40
CA ILE B 265 -10.02 8.61 20.96
C ILE B 265 -10.65 7.34 20.38
N ASP B 266 -10.55 6.22 21.09
CA ASP B 266 -11.15 4.97 20.62
C ASP B 266 -12.64 5.25 20.33
N LEU B 267 -13.32 5.85 21.30
CA LEU B 267 -14.75 6.15 21.15
C LEU B 267 -15.03 7.10 20.00
N LEU B 268 -14.30 8.21 19.94
CA LEU B 268 -14.51 9.19 18.89
C LEU B 268 -14.30 8.63 17.48
N ILE B 269 -13.33 7.75 17.31
CA ILE B 269 -13.11 7.16 15.99
C ILE B 269 -14.29 6.26 15.64
N LYS B 270 -14.84 5.60 16.65
CA LYS B 270 -15.99 4.72 16.44
C LYS B 270 -17.21 5.53 16.02
N THR B 271 -17.44 6.65 16.69
CA THR B 271 -18.59 7.51 16.41
C THR B 271 -18.40 8.40 15.18
N GLY B 272 -17.15 8.63 14.82
CA GLY B 272 -16.83 9.54 13.72
C GLY B 272 -16.15 10.67 14.47
N LEU B 273 -14.89 10.94 14.14
CA LEU B 273 -14.13 11.96 14.87
C LEU B 273 -14.71 13.36 15.02
N PHE B 274 -14.89 14.09 13.91
CA PHE B 274 -15.39 15.45 14.01
C PHE B 274 -16.78 15.54 14.64
N ARG B 275 -17.73 14.74 14.15
CA ARG B 275 -19.08 14.78 14.69
C ARG B 275 -19.14 14.35 16.15
N GLY B 276 -18.28 13.39 16.53
CA GLY B 276 -18.26 12.95 17.91
C GLY B 276 -17.78 14.09 18.80
N LEU B 277 -16.75 14.79 18.34
CA LEU B 277 -16.21 15.92 19.10
C LEU B 277 -17.27 17.01 19.24
N LYS B 278 -17.92 17.35 18.13
CA LYS B 278 -18.94 18.38 18.15
C LYS B 278 -20.09 17.99 19.08
N THR B 279 -20.43 16.71 19.10
CA THR B 279 -21.52 16.24 19.97
C THR B 279 -21.14 16.42 21.43
N VAL B 280 -19.91 16.09 21.79
CA VAL B 280 -19.44 16.26 23.16
C VAL B 280 -19.53 17.75 23.50
N LEU B 281 -19.07 18.58 22.57
CA LEU B 281 -19.11 20.03 22.78
C LEU B 281 -20.53 20.53 22.94
N HIS B 282 -21.48 19.86 22.27
CA HIS B 282 -22.88 20.23 22.36
C HIS B 282 -23.36 19.97 23.78
N TYR B 283 -23.00 18.82 24.33
CA TYR B 283 -23.40 18.49 25.69
C TYR B 283 -22.69 19.35 26.73
N MET B 284 -21.61 20.01 26.29
CA MET B 284 -20.85 20.90 27.17
C MET B 284 -21.40 22.32 27.00
N ASP B 285 -22.48 22.43 26.25
CA ASP B 285 -23.14 23.71 26.00
C ASP B 285 -22.30 24.71 25.21
N VAL B 286 -21.44 24.20 24.32
CA VAL B 286 -20.59 25.05 23.49
C VAL B 286 -21.11 25.13 22.06
N VAL B 287 -21.41 23.98 21.49
CA VAL B 287 -21.90 23.87 20.11
C VAL B 287 -23.42 23.66 20.09
N SER B 288 -24.15 24.56 19.44
CA SER B 288 -25.61 24.48 19.36
C SER B 288 -26.11 23.26 18.60
N VAL B 289 -25.56 23.02 17.41
CA VAL B 289 -25.94 21.90 16.57
C VAL B 289 -24.64 21.19 16.16
N PRO B 290 -24.46 19.94 16.62
CA PRO B 290 -23.26 19.13 16.32
C PRO B 290 -23.13 18.48 14.95
N LEU B 291 -23.70 19.09 13.92
CA LEU B 291 -23.61 18.50 12.58
C LEU B 291 -22.33 18.82 11.82
N CYS B 292 -21.95 17.91 10.94
CA CYS B 292 -20.80 18.07 10.05
C CYS B 292 -21.44 18.24 8.68
N ARG B 293 -20.68 18.71 7.70
CA ARG B 293 -21.23 18.89 6.36
C ARG B 293 -21.18 17.60 5.53
N LYS B 294 -22.21 17.37 4.73
CA LYS B 294 -22.26 16.19 3.88
C LYS B 294 -21.03 16.22 2.98
N PRO B 295 -20.51 15.06 2.57
CA PRO B 295 -20.99 13.69 2.86
C PRO B 295 -20.86 13.12 4.27
N PHE B 296 -20.39 13.91 5.23
CA PHE B 296 -20.31 13.41 6.61
C PHE B 296 -21.75 13.21 7.08
N GLY B 297 -22.06 12.04 7.63
CA GLY B 297 -23.40 11.79 8.12
C GLY B 297 -23.52 12.11 9.60
N PRO B 298 -24.72 11.98 10.19
CA PRO B 298 -24.91 12.28 11.61
C PRO B 298 -24.37 11.16 12.50
N VAL B 299 -24.27 11.45 13.79
CA VAL B 299 -23.80 10.45 14.74
C VAL B 299 -24.90 9.42 14.94
N ASP B 300 -24.53 8.15 15.04
CA ASP B 300 -25.51 7.10 15.25
C ASP B 300 -26.06 7.29 16.67
N GLU B 301 -27.37 7.48 16.77
CA GLU B 301 -28.02 7.71 18.06
C GLU B 301 -27.61 6.75 19.17
N LYS B 302 -27.17 5.55 18.80
CA LYS B 302 -26.78 4.57 19.80
C LYS B 302 -25.55 5.00 20.60
N TYR B 303 -24.81 5.97 20.08
CA TYR B 303 -23.60 6.47 20.75
C TYR B 303 -23.84 7.68 21.65
N LEU B 304 -25.03 8.27 21.57
CA LEU B 304 -25.32 9.46 22.37
C LEU B 304 -25.10 9.26 23.88
N PRO B 305 -25.54 8.13 24.44
CA PRO B 305 -25.34 7.92 25.88
C PRO B 305 -23.87 8.00 26.29
N GLU B 306 -23.00 7.35 25.53
CA GLU B 306 -21.57 7.36 25.83
C GLU B 306 -20.96 8.75 25.63
N LEU B 307 -21.40 9.44 24.59
CA LEU B 307 -20.88 10.77 24.31
C LEU B 307 -21.33 11.77 25.37
N LYS B 308 -22.57 11.62 25.83
CA LYS B 308 -23.09 12.52 26.86
C LYS B 308 -22.33 12.26 28.16
N ALA B 309 -22.12 10.99 28.48
CA ALA B 309 -21.42 10.60 29.70
C ALA B 309 -19.99 11.13 29.68
N LEU B 310 -19.35 11.10 28.51
CA LEU B 310 -17.99 11.58 28.37
C LEU B 310 -17.94 13.08 28.67
N ALA B 311 -18.90 13.82 28.11
CA ALA B 311 -18.98 15.25 28.32
C ALA B 311 -19.09 15.56 29.81
N GLN B 312 -19.94 14.80 30.49
CA GLN B 312 -20.16 14.95 31.94
C GLN B 312 -18.84 14.71 32.67
N GLN B 313 -18.17 13.64 32.30
CA GLN B 313 -16.90 13.25 32.92
C GLN B 313 -15.84 14.33 32.73
N LEU B 314 -15.72 14.87 31.52
CA LEU B 314 -14.73 15.90 31.25
C LEU B 314 -15.04 17.20 31.98
N MET B 315 -16.31 17.57 32.06
CA MET B 315 -16.70 18.80 32.75
C MET B 315 -16.42 18.70 34.24
N GLN B 316 -16.62 17.51 34.80
CA GLN B 316 -16.37 17.30 36.22
C GLN B 316 -14.87 17.25 36.49
N GLU B 317 -14.13 16.75 35.51
CA GLU B 317 -12.68 16.62 35.63
C GLU B 317 -12.00 17.98 35.76
N ARG B 318 -12.58 19.00 35.14
CA ARG B 318 -12.03 20.34 35.20
C ARG B 318 -12.25 20.98 36.57
N THR C 25 -30.77 7.92 -27.98
CA THR C 25 -29.96 6.66 -28.02
C THR C 25 -29.46 6.27 -26.64
N ASN C 26 -28.15 6.07 -26.53
CA ASN C 26 -27.53 5.69 -25.26
C ASN C 26 -26.24 6.47 -25.01
N LEU C 27 -25.58 6.16 -23.89
CA LEU C 27 -24.34 6.84 -23.52
C LEU C 27 -23.08 6.04 -23.85
N ARG C 28 -23.22 4.91 -24.54
CA ARG C 28 -22.07 4.09 -24.90
C ARG C 28 -21.21 4.77 -25.96
N GLY C 29 -19.89 4.61 -25.86
CA GLY C 29 -19.02 5.21 -26.85
C GLY C 29 -17.64 5.64 -26.38
N VAL C 30 -16.94 6.35 -27.27
CA VAL C 30 -15.60 6.86 -27.01
C VAL C 30 -15.73 8.36 -26.75
N MET C 31 -15.49 8.76 -25.50
CA MET C 31 -15.61 10.17 -25.11
C MET C 31 -14.30 10.75 -24.63
N ALA C 32 -13.93 11.92 -25.15
CA ALA C 32 -12.69 12.56 -24.73
C ALA C 32 -12.87 13.30 -23.41
N ALA C 33 -11.88 13.18 -22.53
CA ALA C 33 -11.90 13.88 -21.26
C ALA C 33 -11.32 15.24 -21.64
N LEU C 34 -12.18 16.26 -21.65
CA LEU C 34 -11.79 17.60 -22.06
C LEU C 34 -10.81 18.33 -21.15
N LEU C 35 -9.83 18.99 -21.78
CA LEU C 35 -8.83 19.77 -21.08
C LEU C 35 -9.37 21.20 -21.01
N THR C 36 -8.88 21.98 -20.05
CA THR C 36 -9.32 23.37 -19.92
C THR C 36 -8.16 24.29 -20.29
N PRO C 37 -8.22 24.92 -21.47
CA PRO C 37 -7.15 25.84 -21.90
C PRO C 37 -7.13 27.12 -21.05
N PHE C 38 -5.94 27.57 -20.69
CA PHE C 38 -5.79 28.78 -19.90
C PHE C 38 -4.90 29.76 -20.66
N ASP C 39 -4.97 31.04 -20.31
CA ASP C 39 -4.12 32.04 -20.96
C ASP C 39 -2.86 32.21 -20.14
N GLN C 40 -2.04 33.19 -20.48
CA GLN C 40 -0.79 33.45 -19.78
C GLN C 40 -0.98 33.68 -18.28
N GLN C 41 -2.14 34.22 -17.90
CA GLN C 41 -2.41 34.51 -16.50
C GLN C 41 -3.24 33.45 -15.76
N GLN C 42 -3.22 32.22 -16.26
CA GLN C 42 -3.94 31.12 -15.63
C GLN C 42 -5.46 31.30 -15.65
N ALA C 43 -5.95 32.17 -16.52
CA ALA C 43 -7.39 32.39 -16.63
C ALA C 43 -7.95 31.60 -17.81
N LEU C 44 -9.22 31.25 -17.75
CA LEU C 44 -9.85 30.49 -18.83
C LEU C 44 -9.66 31.17 -20.19
N ASP C 45 -9.20 30.40 -21.16
CA ASP C 45 -9.01 30.89 -22.52
C ASP C 45 -10.22 30.41 -23.30
N LYS C 46 -11.29 31.20 -23.28
CA LYS C 46 -12.55 30.86 -23.94
C LYS C 46 -12.40 30.47 -25.41
N ALA C 47 -11.62 31.24 -26.16
CA ALA C 47 -11.42 30.96 -27.58
C ALA C 47 -10.78 29.59 -27.81
N SER C 48 -9.77 29.26 -27.01
CA SER C 48 -9.11 27.97 -27.16
C SER C 48 -10.01 26.82 -26.72
N LEU C 49 -10.82 27.06 -25.71
CA LEU C 49 -11.75 26.04 -25.23
C LEU C 49 -12.73 25.69 -26.35
N ARG C 50 -13.24 26.72 -27.02
CA ARG C 50 -14.16 26.51 -28.13
C ARG C 50 -13.49 25.76 -29.26
N ARG C 51 -12.26 26.13 -29.59
CA ARG C 51 -11.53 25.47 -30.65
C ARG C 51 -11.30 23.99 -30.32
N LEU C 52 -10.99 23.71 -29.06
CA LEU C 52 -10.74 22.33 -28.64
C LEU C 52 -12.01 21.49 -28.75
N VAL C 53 -13.15 22.06 -28.38
CA VAL C 53 -14.41 21.35 -28.46
C VAL C 53 -14.68 20.99 -29.94
N GLN C 54 -14.57 21.97 -30.82
CA GLN C 54 -14.81 21.73 -32.24
C GLN C 54 -13.79 20.76 -32.82
N PHE C 55 -12.56 20.83 -32.33
CA PHE C 55 -11.50 19.93 -32.80
C PHE C 55 -11.89 18.48 -32.50
N ASN C 56 -12.37 18.24 -31.28
CA ASN C 56 -12.77 16.90 -30.89
C ASN C 56 -13.93 16.40 -31.75
N ILE C 57 -14.90 17.27 -32.00
CA ILE C 57 -16.05 16.90 -32.82
C ILE C 57 -15.57 16.49 -34.22
N GLN C 58 -14.60 17.22 -34.76
CA GLN C 58 -14.08 16.91 -36.10
C GLN C 58 -13.30 15.61 -36.15
N GLN C 59 -12.85 15.12 -35.00
CA GLN C 59 -12.10 13.87 -34.95
C GLN C 59 -13.06 12.68 -34.97
N GLY C 60 -14.35 12.96 -34.84
CA GLY C 60 -15.33 11.89 -34.84
C GLY C 60 -15.59 11.33 -33.46
N ILE C 61 -15.30 12.12 -32.43
CA ILE C 61 -15.51 11.70 -31.05
C ILE C 61 -17.01 11.55 -30.79
N ASP C 62 -17.39 10.60 -29.93
CA ASP C 62 -18.81 10.39 -29.64
C ASP C 62 -19.35 11.37 -28.60
N GLY C 63 -18.47 11.95 -27.80
CA GLY C 63 -18.92 12.87 -26.78
C GLY C 63 -17.75 13.43 -25.99
N LEU C 64 -18.07 14.23 -24.97
CA LEU C 64 -17.05 14.83 -24.13
C LEU C 64 -17.40 14.66 -22.65
N TYR C 65 -16.38 14.42 -21.84
CA TYR C 65 -16.52 14.27 -20.38
C TYR C 65 -15.88 15.57 -19.89
N VAL C 66 -16.71 16.46 -19.35
CA VAL C 66 -16.26 17.78 -18.93
C VAL C 66 -16.23 18.05 -17.43
N GLY C 67 -15.16 18.71 -16.97
CA GLY C 67 -15.05 19.03 -15.56
C GLY C 67 -14.45 17.96 -14.68
N GLY C 68 -13.76 17.00 -15.29
CA GLY C 68 -13.15 15.93 -14.53
C GLY C 68 -11.70 16.26 -14.18
N SER C 69 -10.92 15.24 -13.83
CA SER C 69 -9.52 15.43 -13.47
C SER C 69 -8.78 16.17 -14.58
N THR C 70 -9.01 15.73 -15.82
CA THR C 70 -8.34 16.30 -16.98
C THR C 70 -8.65 17.77 -17.24
N GLY C 71 -9.81 18.23 -16.80
CA GLY C 71 -10.15 19.63 -17.00
C GLY C 71 -9.61 20.50 -15.89
N GLU C 72 -8.78 19.91 -15.03
CA GLU C 72 -8.18 20.60 -13.89
C GLU C 72 -9.25 21.21 -12.98
N ALA C 73 -10.38 20.52 -12.89
CA ALA C 73 -11.49 20.96 -12.07
C ALA C 73 -11.15 21.15 -10.60
N PHE C 74 -10.22 20.35 -10.10
CA PHE C 74 -9.89 20.45 -8.69
C PHE C 74 -9.00 21.63 -8.31
N VAL C 75 -8.66 22.45 -9.31
CA VAL C 75 -7.89 23.66 -9.08
C VAL C 75 -8.68 24.82 -9.70
N GLN C 76 -10.00 24.61 -9.79
CA GLN C 76 -10.95 25.60 -10.32
C GLN C 76 -12.04 25.80 -9.28
N SER C 77 -12.67 26.97 -9.29
CA SER C 77 -13.75 27.27 -8.37
C SER C 77 -15.04 26.72 -8.98
N LEU C 78 -16.11 26.69 -8.20
CA LEU C 78 -17.38 26.20 -8.73
C LEU C 78 -17.81 27.06 -9.91
N SER C 79 -17.72 28.36 -9.74
CA SER C 79 -18.10 29.30 -10.79
C SER C 79 -17.33 29.04 -12.07
N GLU C 80 -16.04 28.76 -11.94
CA GLU C 80 -15.20 28.51 -13.11
C GLU C 80 -15.60 27.19 -13.79
N ARG C 81 -15.91 26.18 -12.98
CA ARG C 81 -16.31 24.90 -13.55
C ARG C 81 -17.64 25.08 -14.29
N GLU C 82 -18.56 25.84 -13.71
CA GLU C 82 -19.85 26.08 -14.34
C GLU C 82 -19.67 26.81 -15.67
N GLN C 83 -18.78 27.81 -15.68
CA GLN C 83 -18.53 28.57 -16.88
C GLN C 83 -18.09 27.64 -18.01
N VAL C 84 -17.23 26.69 -17.69
CA VAL C 84 -16.75 25.74 -18.69
C VAL C 84 -17.91 24.88 -19.17
N LEU C 85 -18.73 24.40 -18.26
CA LEU C 85 -19.87 23.56 -18.64
C LEU C 85 -20.78 24.31 -19.59
N GLU C 86 -21.08 25.57 -19.26
CA GLU C 86 -21.96 26.38 -20.09
C GLU C 86 -21.41 26.59 -21.51
N ILE C 87 -20.13 26.92 -21.61
CA ILE C 87 -19.52 27.14 -22.92
C ILE C 87 -19.46 25.89 -23.78
N VAL C 88 -19.13 24.75 -23.17
CA VAL C 88 -19.06 23.51 -23.93
C VAL C 88 -20.44 23.16 -24.48
N ALA C 89 -21.47 23.38 -23.67
CA ALA C 89 -22.84 23.08 -24.08
C ALA C 89 -23.22 23.95 -25.28
N GLU C 90 -22.83 25.22 -25.24
CA GLU C 90 -23.12 26.14 -26.32
C GLU C 90 -22.49 25.65 -27.62
N GLU C 91 -21.29 25.09 -27.50
CA GLU C 91 -20.55 24.60 -28.66
C GLU C 91 -20.92 23.23 -29.20
N ALA C 92 -21.31 22.30 -28.33
CA ALA C 92 -21.60 20.95 -28.80
C ALA C 92 -22.94 20.31 -28.44
N LYS C 93 -23.77 20.99 -27.67
CA LYS C 93 -25.05 20.38 -27.31
C LYS C 93 -25.82 20.06 -28.59
N GLY C 94 -26.28 18.81 -28.70
CA GLY C 94 -27.02 18.40 -29.87
C GLY C 94 -26.17 17.83 -30.98
N LYS C 95 -24.84 17.94 -30.84
CA LYS C 95 -23.93 17.44 -31.86
C LYS C 95 -23.29 16.14 -31.38
N ILE C 96 -22.89 16.10 -30.12
CA ILE C 96 -22.29 14.92 -29.53
C ILE C 96 -22.81 14.80 -28.09
N LYS C 97 -22.54 13.67 -27.46
CA LYS C 97 -22.99 13.45 -26.09
C LYS C 97 -22.15 14.28 -25.13
N LEU C 98 -22.78 14.79 -24.07
CA LEU C 98 -22.07 15.61 -23.09
C LEU C 98 -22.29 15.13 -21.67
N ILE C 99 -21.20 14.75 -21.01
CA ILE C 99 -21.27 14.29 -19.64
C ILE C 99 -20.57 15.32 -18.76
N ALA C 100 -21.27 15.79 -17.74
CA ALA C 100 -20.71 16.79 -16.83
C ALA C 100 -20.23 16.17 -15.52
N HIS C 101 -18.92 16.23 -15.28
CA HIS C 101 -18.42 15.71 -14.02
C HIS C 101 -18.61 16.86 -13.04
N VAL C 102 -19.51 16.67 -12.10
CA VAL C 102 -19.85 17.68 -11.11
C VAL C 102 -19.30 17.36 -9.72
N GLY C 103 -18.49 16.31 -9.63
CA GLY C 103 -17.97 15.89 -8.34
C GLY C 103 -17.03 16.82 -7.59
N CYS C 104 -17.31 16.94 -6.29
CA CYS C 104 -16.50 17.75 -5.36
C CYS C 104 -16.45 16.91 -4.09
N VAL C 105 -15.62 17.29 -3.13
CA VAL C 105 -15.59 16.54 -1.89
C VAL C 105 -16.93 16.83 -1.22
N SER C 106 -17.36 18.08 -1.30
CA SER C 106 -18.63 18.51 -0.72
C SER C 106 -19.83 18.03 -1.51
N THR C 107 -20.84 17.51 -0.82
CA THR C 107 -22.05 17.04 -1.49
C THR C 107 -22.82 18.26 -2.02
N ALA C 108 -22.96 19.27 -1.17
CA ALA C 108 -23.68 20.49 -1.54
C ALA C 108 -23.09 21.16 -2.77
N GLU C 109 -21.77 21.25 -2.85
CA GLU C 109 -21.13 21.88 -4.01
C GLU C 109 -21.39 21.03 -5.25
N SER C 110 -21.30 19.71 -5.09
CA SER C 110 -21.54 18.80 -6.21
C SER C 110 -22.96 18.98 -6.73
N GLN C 111 -23.90 19.19 -5.80
CA GLN C 111 -25.30 19.37 -6.14
C GLN C 111 -25.50 20.65 -6.95
N GLN C 112 -24.78 21.70 -6.59
CA GLN C 112 -24.91 22.96 -7.32
C GLN C 112 -24.49 22.75 -8.78
N LEU C 113 -23.39 22.05 -8.99
CA LEU C 113 -22.91 21.79 -10.35
C LEU C 113 -23.85 20.87 -11.11
N ALA C 114 -24.47 19.93 -10.40
CA ALA C 114 -25.41 19.01 -11.03
C ALA C 114 -26.61 19.80 -11.55
N ALA C 115 -27.12 20.70 -10.71
CA ALA C 115 -28.27 21.52 -11.12
C ALA C 115 -27.92 22.36 -12.34
N SER C 116 -26.69 22.87 -12.38
CA SER C 116 -26.26 23.69 -13.52
C SER C 116 -26.16 22.84 -14.78
N ALA C 117 -25.59 21.64 -14.65
CA ALA C 117 -25.45 20.75 -15.80
C ALA C 117 -26.82 20.48 -16.42
N LYS C 118 -27.83 20.34 -15.56
CA LYS C 118 -29.20 20.09 -16.00
C LYS C 118 -29.68 21.31 -16.77
N ARG C 119 -29.48 22.48 -16.17
CA ARG C 119 -29.87 23.75 -16.76
C ARG C 119 -29.23 23.96 -18.14
N TYR C 120 -27.97 23.57 -18.30
CA TYR C 120 -27.27 23.74 -19.57
C TYR C 120 -27.59 22.68 -20.61
N GLY C 121 -28.34 21.65 -20.23
CA GLY C 121 -28.70 20.63 -21.18
C GLY C 121 -27.71 19.49 -21.42
N PHE C 122 -26.95 19.13 -20.39
CA PHE C 122 -26.02 18.02 -20.55
C PHE C 122 -26.82 16.73 -20.59
N ASP C 123 -26.21 15.66 -21.09
CA ASP C 123 -26.89 14.37 -21.20
C ASP C 123 -26.77 13.52 -19.95
N ALA C 124 -25.78 13.82 -19.12
CA ALA C 124 -25.57 13.06 -17.90
C ALA C 124 -24.59 13.77 -16.99
N VAL C 125 -24.54 13.35 -15.73
CA VAL C 125 -23.62 13.92 -14.76
C VAL C 125 -22.70 12.79 -14.29
N SER C 126 -21.65 13.16 -13.56
CA SER C 126 -20.71 12.16 -13.06
C SER C 126 -20.04 12.73 -11.82
N ALA C 127 -19.61 11.86 -10.92
CA ALA C 127 -18.97 12.32 -9.70
C ALA C 127 -17.95 11.32 -9.17
N VAL C 128 -16.75 11.81 -8.92
CA VAL C 128 -15.70 10.97 -8.37
C VAL C 128 -16.06 10.73 -6.92
N THR C 129 -15.68 9.58 -6.38
CA THR C 129 -15.94 9.29 -4.98
C THR C 129 -15.27 10.42 -4.17
N PRO C 130 -16.02 11.06 -3.25
CA PRO C 130 -15.40 12.13 -2.47
C PRO C 130 -14.11 11.68 -1.80
N PHE C 131 -13.06 12.49 -1.92
CA PHE C 131 -11.74 12.16 -1.39
C PHE C 131 -11.24 12.93 -0.16
N TYR C 132 -9.95 12.71 0.15
CA TYR C 132 -9.26 13.31 1.28
C TYR C 132 -9.76 12.76 2.62
N TYR C 133 -10.97 13.13 3.02
CA TYR C 133 -11.52 12.63 4.27
C TYR C 133 -12.01 11.20 4.05
N PRO C 134 -11.87 10.35 5.07
CA PRO C 134 -12.35 8.97 4.94
C PRO C 134 -13.85 8.97 5.17
N PHE C 135 -14.62 8.47 4.20
CA PHE C 135 -16.06 8.41 4.34
C PHE C 135 -16.50 6.96 4.32
N SER C 136 -17.57 6.63 5.06
CA SER C 136 -18.07 5.27 5.09
C SER C 136 -18.72 4.99 3.74
N PHE C 137 -18.93 3.71 3.43
CA PHE C 137 -19.56 3.39 2.15
C PHE C 137 -20.97 3.96 2.11
N GLU C 138 -21.67 3.91 3.24
CA GLU C 138 -23.03 4.45 3.30
C GLU C 138 -23.00 5.94 2.97
N GLU C 139 -21.98 6.65 3.44
CA GLU C 139 -21.86 8.08 3.16
C GLU C 139 -21.60 8.31 1.69
N HIS C 140 -20.84 7.42 1.05
CA HIS C 140 -20.57 7.54 -0.37
C HIS C 140 -21.88 7.34 -1.13
N CYS C 141 -22.66 6.34 -0.71
CA CYS C 141 -23.93 6.07 -1.38
C CYS C 141 -24.87 7.27 -1.29
N ASP C 142 -25.02 7.85 -0.10
CA ASP C 142 -25.90 8.99 0.08
C ASP C 142 -25.43 10.19 -0.73
N HIS C 143 -24.11 10.29 -0.90
CA HIS C 143 -23.50 11.37 -1.67
C HIS C 143 -24.00 11.28 -3.12
N TYR C 144 -23.93 10.09 -3.70
CA TYR C 144 -24.40 9.90 -5.07
C TYR C 144 -25.91 10.14 -5.16
N ARG C 145 -26.65 9.67 -4.15
CA ARG C 145 -28.11 9.86 -4.15
C ARG C 145 -28.45 11.34 -4.17
N ALA C 146 -27.80 12.13 -3.31
CA ALA C 146 -28.05 13.56 -3.24
C ALA C 146 -27.75 14.27 -4.56
N ILE C 147 -26.65 13.90 -5.20
CA ILE C 147 -26.27 14.52 -6.47
C ILE C 147 -27.27 14.13 -7.57
N ILE C 148 -27.71 12.87 -7.55
CA ILE C 148 -28.66 12.40 -8.54
C ILE C 148 -29.96 13.19 -8.40
N ASP C 149 -30.34 13.48 -7.17
CA ASP C 149 -31.56 14.24 -6.89
C ASP C 149 -31.46 15.61 -7.57
N SER C 150 -30.32 16.29 -7.36
CA SER C 150 -30.10 17.61 -7.93
C SER C 150 -29.93 17.58 -9.45
N ALA C 151 -29.53 16.43 -9.99
CA ALA C 151 -29.32 16.27 -11.43
C ALA C 151 -30.66 16.32 -12.15
N ASP C 152 -31.73 16.22 -11.36
CA ASP C 152 -33.10 16.31 -11.86
C ASP C 152 -33.38 15.54 -13.16
N GLY C 153 -33.05 14.25 -13.16
CA GLY C 153 -33.31 13.44 -14.34
C GLY C 153 -32.11 12.96 -15.12
N LEU C 154 -31.01 13.71 -15.10
CA LEU C 154 -29.83 13.29 -15.84
C LEU C 154 -29.23 12.05 -15.18
N PRO C 155 -28.88 11.03 -15.98
CA PRO C 155 -28.30 9.81 -15.42
C PRO C 155 -26.92 10.06 -14.83
N MET C 156 -26.60 9.33 -13.77
CA MET C 156 -25.31 9.45 -13.08
C MET C 156 -24.30 8.42 -13.57
N VAL C 157 -23.08 8.89 -13.79
CA VAL C 157 -21.98 8.02 -14.20
C VAL C 157 -21.07 7.93 -12.99
N VAL C 158 -21.10 6.80 -12.30
CA VAL C 158 -20.25 6.61 -11.13
C VAL C 158 -18.81 6.65 -11.62
N TYR C 159 -17.93 7.24 -10.81
CA TYR C 159 -16.53 7.39 -11.20
C TYR C 159 -15.58 6.76 -10.18
N ASN C 160 -15.02 5.61 -10.57
CA ASN C 160 -14.10 4.84 -9.75
C ASN C 160 -12.66 5.08 -10.23
N ILE C 161 -11.86 5.77 -9.42
CA ILE C 161 -10.47 6.05 -9.79
C ILE C 161 -9.63 6.03 -8.52
N PRO C 162 -9.42 4.83 -7.95
CA PRO C 162 -8.64 4.65 -6.72
C PRO C 162 -7.25 5.26 -6.70
N ALA C 163 -6.55 5.25 -7.82
CA ALA C 163 -5.19 5.81 -7.87
C ALA C 163 -5.13 7.28 -7.45
N LEU C 164 -6.13 8.06 -7.83
CA LEU C 164 -6.12 9.48 -7.49
C LEU C 164 -6.98 9.82 -6.27
N SER C 165 -8.09 9.13 -6.10
CA SER C 165 -9.00 9.41 -4.97
C SER C 165 -8.58 8.78 -3.66
N GLY C 166 -7.85 7.67 -3.74
CA GLY C 166 -7.43 6.99 -2.52
C GLY C 166 -8.56 6.15 -1.96
N VAL C 167 -9.69 6.13 -2.66
CA VAL C 167 -10.84 5.33 -2.23
C VAL C 167 -10.80 3.97 -2.91
N LYS C 168 -10.70 2.91 -2.12
CA LYS C 168 -10.64 1.57 -2.65
C LYS C 168 -11.95 0.84 -2.38
N LEU C 169 -12.71 0.60 -3.44
CA LEU C 169 -14.00 -0.08 -3.33
C LEU C 169 -13.89 -1.56 -3.64
N THR C 170 -14.75 -2.36 -3.02
CA THR C 170 -14.78 -3.79 -3.26
C THR C 170 -15.74 -4.01 -4.43
N LEU C 171 -15.72 -5.20 -5.02
CA LEU C 171 -16.62 -5.49 -6.13
C LEU C 171 -18.07 -5.33 -5.67
N ASP C 172 -18.37 -5.82 -4.47
CA ASP C 172 -19.73 -5.72 -3.94
C ASP C 172 -20.18 -4.28 -3.81
N GLN C 173 -19.27 -3.42 -3.35
CA GLN C 173 -19.59 -2.01 -3.20
C GLN C 173 -19.82 -1.36 -4.57
N ILE C 174 -18.99 -1.73 -5.55
CA ILE C 174 -19.16 -1.17 -6.88
C ILE C 174 -20.53 -1.60 -7.43
N ASN C 175 -20.89 -2.87 -7.22
CA ASN C 175 -22.18 -3.35 -7.69
C ASN C 175 -23.32 -2.54 -7.08
N THR C 176 -23.18 -2.21 -5.80
CA THR C 176 -24.20 -1.43 -5.10
C THR C 176 -24.32 -0.03 -5.69
N LEU C 177 -23.17 0.60 -5.96
CA LEU C 177 -23.19 1.96 -6.53
C LEU C 177 -23.80 2.02 -7.93
N VAL C 178 -23.44 1.07 -8.78
CA VAL C 178 -23.95 1.09 -10.15
C VAL C 178 -25.42 0.70 -10.26
N THR C 179 -26.02 0.23 -9.16
CA THR C 179 -27.42 -0.14 -9.18
C THR C 179 -28.29 0.85 -8.40
N LEU C 180 -27.68 1.93 -7.92
CA LEU C 180 -28.43 2.95 -7.19
C LEU C 180 -29.43 3.57 -8.16
N PRO C 181 -30.61 3.97 -7.66
CA PRO C 181 -31.61 4.58 -8.54
C PRO C 181 -31.05 5.82 -9.23
N GLY C 182 -31.11 5.84 -10.56
CA GLY C 182 -30.62 6.98 -11.30
C GLY C 182 -29.24 6.82 -11.91
N VAL C 183 -28.52 5.77 -11.52
CA VAL C 183 -27.19 5.54 -12.08
C VAL C 183 -27.31 4.83 -13.42
N GLY C 184 -26.65 5.37 -14.43
CA GLY C 184 -26.71 4.77 -15.75
C GLY C 184 -25.39 4.32 -16.36
N ALA C 185 -24.28 4.51 -15.66
CA ALA C 185 -22.99 4.09 -16.18
C ALA C 185 -21.89 4.13 -15.13
N LEU C 186 -20.74 3.57 -15.49
CA LEU C 186 -19.58 3.54 -14.62
C LEU C 186 -18.31 3.88 -15.38
N LYS C 187 -17.57 4.88 -14.91
CA LYS C 187 -16.29 5.18 -15.56
C LYS C 187 -15.30 4.42 -14.67
N GLN C 188 -14.72 3.38 -15.24
CA GLN C 188 -13.80 2.51 -14.52
C GLN C 188 -12.34 2.80 -14.80
N THR C 189 -11.75 3.71 -14.02
CA THR C 189 -10.34 4.02 -14.19
C THR C 189 -9.58 3.08 -13.26
N SER C 190 -9.48 1.83 -13.69
CA SER C 190 -8.79 0.78 -12.94
C SER C 190 -8.13 -0.14 -13.95
N GLY C 191 -6.93 -0.60 -13.63
CA GLY C 191 -6.21 -1.50 -14.52
C GLY C 191 -6.53 -2.96 -14.22
N ASP C 192 -7.46 -3.19 -13.30
CA ASP C 192 -7.84 -4.54 -12.91
C ASP C 192 -8.88 -5.09 -13.90
N LEU C 193 -8.42 -5.83 -14.91
CA LEU C 193 -9.34 -6.35 -15.91
C LEU C 193 -10.13 -7.59 -15.51
N TYR C 194 -9.82 -8.13 -14.33
CA TYR C 194 -10.57 -9.26 -13.81
C TYR C 194 -11.85 -8.61 -13.30
N GLN C 195 -11.68 -7.52 -12.55
CA GLN C 195 -12.83 -6.79 -12.02
C GLN C 195 -13.67 -6.21 -13.16
N MET C 196 -13.02 -5.80 -14.25
CA MET C 196 -13.75 -5.26 -15.40
C MET C 196 -14.71 -6.32 -15.94
N GLU C 197 -14.21 -7.56 -16.06
CA GLU C 197 -15.03 -8.66 -16.56
C GLU C 197 -16.13 -9.01 -15.58
N GLN C 198 -15.81 -8.99 -14.29
CA GLN C 198 -16.79 -9.31 -13.25
C GLN C 198 -17.95 -8.31 -13.27
N ILE C 199 -17.61 -7.05 -13.51
CA ILE C 199 -18.63 -6.00 -13.56
C ILE C 199 -19.52 -6.24 -14.77
N ARG C 200 -18.91 -6.54 -15.92
CA ARG C 200 -19.69 -6.78 -17.13
C ARG C 200 -20.59 -8.02 -16.95
N ARG C 201 -20.06 -9.05 -16.29
CA ARG C 201 -20.84 -10.26 -16.07
C ARG C 201 -22.05 -10.01 -15.18
N GLU C 202 -21.87 -9.21 -14.13
CA GLU C 202 -22.95 -8.88 -13.20
C GLU C 202 -23.97 -7.90 -13.78
N HIS C 203 -23.52 -7.02 -14.66
CA HIS C 203 -24.37 -6.00 -15.27
C HIS C 203 -24.23 -6.01 -16.80
N PRO C 204 -24.86 -6.97 -17.49
CA PRO C 204 -24.75 -7.04 -18.95
C PRO C 204 -25.17 -5.82 -19.76
N ASP C 205 -26.07 -5.00 -19.24
CA ASP C 205 -26.50 -3.82 -20.00
C ASP C 205 -25.87 -2.51 -19.54
N LEU C 206 -25.02 -2.57 -18.53
CA LEU C 206 -24.37 -1.36 -18.00
C LEU C 206 -23.38 -0.70 -18.95
N VAL C 207 -23.46 0.62 -19.05
CA VAL C 207 -22.53 1.38 -19.89
C VAL C 207 -21.26 1.37 -19.03
N LEU C 208 -20.18 0.82 -19.58
CA LEU C 208 -18.92 0.70 -18.86
C LEU C 208 -17.74 1.30 -19.62
N TYR C 209 -17.28 2.46 -19.15
CA TYR C 209 -16.18 3.17 -19.80
C TYR C 209 -14.80 2.77 -19.28
N ASN C 210 -13.93 2.35 -20.18
CA ASN C 210 -12.56 2.00 -19.83
C ASN C 210 -11.88 3.34 -19.50
N GLY C 211 -11.21 3.42 -18.35
CA GLY C 211 -10.59 4.67 -17.93
C GLY C 211 -9.10 4.87 -18.19
N TYR C 212 -8.35 3.79 -18.37
CA TYR C 212 -6.92 3.90 -18.64
C TYR C 212 -6.66 3.68 -20.12
N ASP C 213 -6.35 4.77 -20.83
CA ASP C 213 -6.11 4.73 -22.26
C ASP C 213 -5.11 3.67 -22.70
N GLU C 214 -4.05 3.49 -21.92
CA GLU C 214 -2.99 2.55 -22.23
C GLU C 214 -3.40 1.06 -22.24
N ILE C 215 -4.62 0.75 -21.82
CA ILE C 215 -5.08 -0.64 -21.86
C ILE C 215 -6.45 -0.73 -22.53
N PHE C 216 -6.81 0.32 -23.28
CA PHE C 216 -8.09 0.41 -23.98
C PHE C 216 -8.54 -0.88 -24.68
N ALA C 217 -7.71 -1.39 -25.58
CA ALA C 217 -8.04 -2.60 -26.32
C ALA C 217 -8.35 -3.77 -25.38
N SER C 218 -7.48 -3.99 -24.40
CA SER C 218 -7.67 -5.07 -23.44
C SER C 218 -8.89 -4.84 -22.57
N GLY C 219 -9.18 -3.57 -22.27
CA GLY C 219 -10.32 -3.23 -21.45
C GLY C 219 -11.63 -3.58 -22.16
N LEU C 220 -11.70 -3.27 -23.45
CA LEU C 220 -12.89 -3.58 -24.22
C LEU C 220 -13.07 -5.10 -24.30
N LEU C 221 -11.97 -5.81 -24.52
CA LEU C 221 -12.03 -7.25 -24.60
C LEU C 221 -12.53 -7.84 -23.27
N ALA C 222 -12.15 -7.21 -22.17
CA ALA C 222 -12.56 -7.66 -20.84
C ALA C 222 -14.04 -7.39 -20.55
N GLY C 223 -14.62 -6.42 -21.24
CA GLY C 223 -16.01 -6.12 -21.00
C GLY C 223 -16.46 -4.67 -21.12
N ALA C 224 -15.53 -3.72 -21.15
CA ALA C 224 -15.92 -2.33 -21.29
C ALA C 224 -16.55 -2.17 -22.67
N ASP C 225 -17.52 -1.28 -22.82
CA ASP C 225 -18.14 -1.07 -24.12
C ASP C 225 -17.88 0.33 -24.67
N GLY C 226 -16.82 0.95 -24.18
CA GLY C 226 -16.45 2.28 -24.61
C GLY C 226 -15.34 2.79 -23.71
N GLY C 227 -15.10 4.10 -23.72
CA GLY C 227 -14.06 4.64 -22.88
C GLY C 227 -14.06 6.15 -22.80
N ILE C 228 -13.40 6.66 -21.78
CA ILE C 228 -13.26 8.09 -21.55
C ILE C 228 -11.77 8.28 -21.27
N GLY C 229 -11.12 9.16 -22.03
CA GLY C 229 -9.70 9.36 -21.81
C GLY C 229 -9.18 10.72 -22.26
N SER C 230 -8.13 11.19 -21.60
CA SER C 230 -7.55 12.48 -21.93
C SER C 230 -6.77 12.47 -23.24
N THR C 231 -6.13 11.36 -23.58
CA THR C 231 -5.37 11.33 -24.83
C THR C 231 -6.26 11.32 -26.06
N TYR C 232 -7.57 11.14 -25.87
CA TYR C 232 -8.50 11.13 -27.00
C TYR C 232 -8.48 12.51 -27.69
N ASN C 233 -8.08 13.54 -26.94
CA ASN C 233 -8.03 14.90 -27.46
C ASN C 233 -7.09 15.07 -28.67
N ILE C 234 -6.03 14.27 -28.73
CA ILE C 234 -5.08 14.39 -29.84
C ILE C 234 -5.08 13.22 -30.81
N MET C 235 -5.76 12.12 -30.47
CA MET C 235 -5.78 10.97 -31.36
C MET C 235 -7.01 10.09 -31.15
N GLY C 236 -8.15 10.73 -30.91
CA GLY C 236 -9.40 10.01 -30.70
C GLY C 236 -9.73 9.00 -31.80
N TRP C 237 -9.34 9.32 -33.03
CA TRP C 237 -9.62 8.43 -34.15
C TRP C 237 -8.95 7.07 -34.00
N ARG C 238 -7.83 7.03 -33.28
CA ARG C 238 -7.13 5.76 -33.07
C ARG C 238 -7.96 4.86 -32.18
N TYR C 239 -8.57 5.44 -31.15
CA TYR C 239 -9.39 4.66 -30.24
C TYR C 239 -10.66 4.20 -30.96
N GLN C 240 -11.19 5.05 -31.83
CA GLN C 240 -12.38 4.69 -32.60
C GLN C 240 -11.97 3.55 -33.52
N GLY C 241 -10.73 3.60 -33.99
CA GLY C 241 -10.21 2.58 -34.87
C GLY C 241 -10.07 1.23 -34.18
N ILE C 242 -9.74 1.25 -32.89
CA ILE C 242 -9.60 0.02 -32.12
C ILE C 242 -10.97 -0.61 -31.94
N VAL C 243 -11.97 0.21 -31.62
CA VAL C 243 -13.33 -0.28 -31.43
C VAL C 243 -13.81 -0.97 -32.72
N LYS C 244 -13.52 -0.35 -33.86
CA LYS C 244 -13.91 -0.88 -35.15
C LYS C 244 -13.18 -2.18 -35.46
N ALA C 245 -11.87 -2.20 -35.23
CA ALA C 245 -11.05 -3.37 -35.49
C ALA C 245 -11.53 -4.58 -34.69
N LEU C 246 -11.81 -4.39 -33.41
CA LEU C 246 -12.28 -5.49 -32.58
C LEU C 246 -13.66 -5.94 -33.04
N LYS C 247 -14.51 -4.98 -33.39
CA LYS C 247 -15.86 -5.28 -33.85
C LYS C 247 -15.84 -6.13 -35.11
N GLU C 248 -14.81 -5.94 -35.93
CA GLU C 248 -14.68 -6.68 -37.19
C GLU C 248 -13.74 -7.87 -37.06
N GLY C 249 -13.35 -8.19 -35.82
CA GLY C 249 -12.47 -9.33 -35.60
C GLY C 249 -11.05 -9.16 -36.11
N ASP C 250 -10.61 -7.92 -36.29
CA ASP C 250 -9.25 -7.67 -36.77
C ASP C 250 -8.36 -7.42 -35.55
N ILE C 251 -7.89 -8.50 -34.94
CA ILE C 251 -7.04 -8.42 -33.76
C ILE C 251 -5.73 -7.66 -33.95
N GLN C 252 -4.98 -8.01 -34.99
CA GLN C 252 -3.71 -7.36 -35.25
C GLN C 252 -3.83 -5.85 -35.40
N THR C 253 -4.84 -5.40 -36.13
CA THR C 253 -5.05 -3.97 -36.33
C THR C 253 -5.29 -3.30 -34.98
N ALA C 254 -6.10 -3.94 -34.15
CA ALA C 254 -6.40 -3.41 -32.83
C ALA C 254 -5.13 -3.30 -32.01
N GLN C 255 -4.31 -4.35 -32.04
CA GLN C 255 -3.06 -4.35 -31.30
C GLN C 255 -2.10 -3.27 -31.78
N LYS C 256 -1.92 -3.17 -33.09
CA LYS C 256 -1.00 -2.17 -33.64
C LYS C 256 -1.43 -0.76 -33.26
N LEU C 257 -2.73 -0.50 -33.24
CA LEU C 257 -3.25 0.80 -32.87
C LEU C 257 -2.97 1.08 -31.39
N GLN C 258 -3.16 0.08 -30.54
CA GLN C 258 -2.92 0.26 -29.11
C GLN C 258 -1.43 0.52 -28.89
N THR C 259 -0.59 -0.19 -29.65
CA THR C 259 0.85 -0.01 -29.53
C THR C 259 1.24 1.43 -29.85
N GLU C 260 0.63 2.01 -30.87
CA GLU C 260 0.93 3.39 -31.23
C GLU C 260 0.44 4.36 -30.16
N CYS C 261 -0.73 4.07 -29.59
CA CYS C 261 -1.25 4.94 -28.54
C CYS C 261 -0.30 4.91 -27.35
N ASN C 262 0.20 3.73 -27.01
CA ASN C 262 1.10 3.59 -25.87
C ASN C 262 2.46 4.24 -26.07
N LYS C 263 2.93 4.32 -27.31
CA LYS C 263 4.20 4.99 -27.58
C LYS C 263 4.01 6.45 -27.22
N VAL C 264 2.81 6.96 -27.50
CA VAL C 264 2.48 8.35 -27.22
C VAL C 264 2.30 8.56 -25.71
N ILE C 265 1.57 7.64 -25.07
CA ILE C 265 1.33 7.75 -23.64
C ILE C 265 2.66 7.70 -22.88
N ASP C 266 3.59 6.87 -23.33
CA ASP C 266 4.91 6.78 -22.70
C ASP C 266 5.52 8.18 -22.64
N LEU C 267 5.48 8.87 -23.77
CA LEU C 267 6.04 10.22 -23.88
C LEU C 267 5.28 11.23 -23.00
N LEU C 268 3.96 11.22 -23.10
CA LEU C 268 3.14 12.14 -22.31
C LEU C 268 3.34 11.98 -20.81
N ILE C 269 3.49 10.76 -20.34
CA ILE C 269 3.70 10.54 -18.92
C ILE C 269 5.05 11.11 -18.53
N LYS C 270 6.03 10.98 -19.41
CA LYS C 270 7.37 11.50 -19.15
C LYS C 270 7.35 13.04 -19.10
N THR C 271 6.60 13.66 -20.00
CA THR C 271 6.54 15.12 -20.06
C THR C 271 5.55 15.74 -19.07
N GLY C 272 4.57 14.93 -18.64
CA GLY C 272 3.53 15.41 -17.75
C GLY C 272 2.31 15.30 -18.65
N LEU C 273 1.32 14.52 -18.22
CA LEU C 273 0.13 14.28 -19.04
C LEU C 273 -0.66 15.48 -19.56
N PHE C 274 -1.27 16.27 -18.68
CA PHE C 274 -2.07 17.39 -19.12
C PHE C 274 -1.30 18.44 -19.92
N ARG C 275 -0.17 18.89 -19.37
CA ARG C 275 0.63 19.90 -20.07
C ARG C 275 1.21 19.37 -21.38
N GLY C 276 1.47 18.06 -21.43
CA GLY C 276 2.00 17.48 -22.65
C GLY C 276 0.94 17.49 -23.73
N LEU C 277 -0.29 17.16 -23.36
CA LEU C 277 -1.40 17.15 -24.30
C LEU C 277 -1.67 18.57 -24.80
N LYS C 278 -1.66 19.51 -23.87
CA LYS C 278 -1.90 20.91 -24.23
C LYS C 278 -0.82 21.43 -25.17
N THR C 279 0.41 20.97 -24.97
CA THR C 279 1.53 21.40 -25.81
C THR C 279 1.38 20.85 -27.22
N VAL C 280 0.94 19.59 -27.33
CA VAL C 280 0.73 18.99 -28.65
C VAL C 280 -0.39 19.77 -29.34
N LEU C 281 -1.46 20.03 -28.60
CA LEU C 281 -2.59 20.77 -29.13
C LEU C 281 -2.19 22.17 -29.56
N HIS C 282 -1.19 22.74 -28.88
CA HIS C 282 -0.70 24.07 -29.23
C HIS C 282 -0.06 24.02 -30.60
N TYR C 283 0.75 22.98 -30.83
CA TYR C 283 1.42 22.81 -32.10
C TYR C 283 0.42 22.43 -33.21
N MET C 284 -0.79 22.07 -32.80
CA MET C 284 -1.83 21.72 -33.76
C MET C 284 -2.69 22.96 -34.03
N ASP C 285 -2.27 24.09 -33.48
CA ASP C 285 -2.98 25.36 -33.65
C ASP C 285 -4.36 25.39 -33.00
N VAL C 286 -4.51 24.62 -31.93
CA VAL C 286 -5.79 24.56 -31.22
C VAL C 286 -5.74 25.36 -29.92
N VAL C 287 -4.70 25.13 -29.13
CA VAL C 287 -4.53 25.81 -27.85
C VAL C 287 -3.47 26.92 -27.94
N SER C 288 -3.86 28.14 -27.60
CA SER C 288 -2.96 29.30 -27.66
C SER C 288 -1.79 29.22 -26.70
N VAL C 289 -2.07 28.96 -25.42
CA VAL C 289 -1.05 28.86 -24.38
C VAL C 289 -1.27 27.51 -23.68
N PRO C 290 -0.30 26.60 -23.79
CA PRO C 290 -0.35 25.26 -23.19
C PRO C 290 -0.05 25.11 -21.70
N LEU C 291 -0.33 26.12 -20.91
CA LEU C 291 -0.06 26.04 -19.48
C LEU C 291 -1.16 25.40 -18.65
N CYS C 292 -0.73 24.78 -17.55
CA CYS C 292 -1.64 24.15 -16.59
C CYS C 292 -1.59 25.09 -15.40
N ARG C 293 -2.54 24.96 -14.48
CA ARG C 293 -2.54 25.82 -13.30
C ARG C 293 -1.60 25.31 -12.22
N LYS C 294 -0.99 26.24 -11.48
CA LYS C 294 -0.09 25.87 -10.40
C LYS C 294 -0.92 25.11 -9.37
N PRO C 295 -0.29 24.18 -8.63
CA PRO C 295 1.12 23.79 -8.68
C PRO C 295 1.70 23.04 -9.88
N PHE C 296 0.91 22.79 -10.92
CA PHE C 296 1.47 22.13 -12.10
C PHE C 296 2.52 23.06 -12.69
N GLY C 297 3.68 22.52 -13.05
CA GLY C 297 4.74 23.33 -13.62
C GLY C 297 4.73 23.27 -15.13
N PRO C 298 5.61 24.03 -15.81
CA PRO C 298 5.64 24.01 -17.27
C PRO C 298 6.36 22.79 -17.81
N VAL C 299 6.20 22.52 -19.11
CA VAL C 299 6.87 21.39 -19.74
C VAL C 299 8.37 21.68 -19.83
N ASP C 300 9.19 20.67 -19.57
CA ASP C 300 10.64 20.84 -19.65
C ASP C 300 10.97 21.09 -21.12
N GLU C 301 11.63 22.20 -21.40
CA GLU C 301 11.98 22.56 -22.77
C GLU C 301 12.64 21.46 -23.60
N LYS C 302 13.31 20.52 -22.93
CA LYS C 302 13.98 19.45 -23.65
C LYS C 302 13.00 18.51 -24.38
N TYR C 303 11.74 18.51 -23.97
CA TYR C 303 10.73 17.66 -24.58
C TYR C 303 10.00 18.28 -25.76
N LEU C 304 10.17 19.59 -25.96
CA LEU C 304 9.48 20.27 -27.05
C LEU C 304 9.69 19.65 -28.43
N PRO C 305 10.94 19.30 -28.78
CA PRO C 305 11.18 18.70 -30.10
C PRO C 305 10.33 17.44 -30.34
N GLU C 306 10.27 16.57 -29.34
CA GLU C 306 9.49 15.34 -29.45
C GLU C 306 8.00 15.63 -29.56
N LEU C 307 7.53 16.57 -28.74
CA LEU C 307 6.12 16.94 -28.75
C LEU C 307 5.71 17.61 -30.06
N LYS C 308 6.60 18.43 -30.61
CA LYS C 308 6.31 19.12 -31.86
C LYS C 308 6.22 18.08 -32.98
N ALA C 309 7.18 17.16 -33.00
CA ALA C 309 7.21 16.11 -34.01
C ALA C 309 5.97 15.23 -33.91
N LEU C 310 5.53 14.98 -32.69
CA LEU C 310 4.34 14.15 -32.48
C LEU C 310 3.13 14.84 -33.09
N ALA C 311 2.98 16.14 -32.82
CA ALA C 311 1.87 16.90 -33.35
C ALA C 311 1.86 16.82 -34.88
N GLN C 312 3.05 16.94 -35.47
CA GLN C 312 3.18 16.87 -36.93
C GLN C 312 2.79 15.49 -37.44
N GLN C 313 3.21 14.46 -36.71
CA GLN C 313 2.89 13.08 -37.09
C GLN C 313 1.39 12.85 -37.08
N LEU C 314 0.74 13.24 -35.99
CA LEU C 314 -0.70 13.06 -35.84
C LEU C 314 -1.51 13.83 -36.88
N MET C 315 -1.05 15.02 -37.24
CA MET C 315 -1.76 15.81 -38.23
C MET C 315 -1.66 15.17 -39.61
N GLN C 316 -0.50 14.62 -39.94
CA GLN C 316 -0.32 13.97 -41.23
C GLN C 316 -1.15 12.69 -41.26
N GLU C 317 -1.09 11.93 -40.17
CA GLU C 317 -1.84 10.69 -40.05
C GLU C 317 -3.33 10.97 -40.23
N ARG C 318 -3.81 12.02 -39.57
CA ARG C 318 -5.21 12.40 -39.64
C ARG C 318 -5.53 13.11 -40.95
N MET D 23 10.95 -14.26 38.28
CA MET D 23 12.29 -14.26 37.64
C MET D 23 12.57 -15.55 36.89
N ALA D 24 12.22 -16.68 37.51
CA ALA D 24 12.45 -17.98 36.91
C ALA D 24 11.67 -18.21 35.61
N THR D 25 10.48 -17.63 35.53
CA THR D 25 9.63 -17.82 34.36
C THR D 25 9.27 -16.51 33.62
N ASN D 26 9.71 -15.39 34.17
CA ASN D 26 9.41 -14.10 33.56
C ASN D 26 10.10 -13.90 32.21
N LEU D 27 9.30 -13.65 31.18
CA LEU D 27 9.83 -13.44 29.83
C LEU D 27 10.02 -11.95 29.51
N ARG D 28 9.61 -11.07 30.41
CA ARG D 28 9.75 -9.64 30.17
C ARG D 28 11.23 -9.24 30.19
N GLY D 29 11.59 -8.29 29.33
CA GLY D 29 12.97 -7.85 29.31
C GLY D 29 13.52 -7.43 27.96
N VAL D 30 14.83 -7.21 27.94
CA VAL D 30 15.56 -6.80 26.75
C VAL D 30 16.32 -8.02 26.23
N MET D 31 15.88 -8.54 25.09
CA MET D 31 16.51 -9.73 24.53
C MET D 31 17.00 -9.52 23.10
N ALA D 32 18.26 -9.87 22.87
CA ALA D 32 18.85 -9.70 21.54
C ALA D 32 18.38 -10.75 20.55
N ALA D 33 18.10 -10.31 19.32
CA ALA D 33 17.74 -11.21 18.24
C ALA D 33 19.11 -11.63 17.75
N LEU D 34 19.46 -12.89 18.00
CA LEU D 34 20.77 -13.44 17.64
C LEU D 34 21.06 -13.62 16.16
N LEU D 35 22.28 -13.26 15.76
CA LEU D 35 22.73 -13.42 14.38
C LEU D 35 23.39 -14.80 14.26
N THR D 36 23.52 -15.31 13.05
CA THR D 36 24.16 -16.62 12.83
C THR D 36 25.47 -16.42 12.06
N PRO D 37 26.62 -16.55 12.74
CA PRO D 37 27.93 -16.38 12.09
C PRO D 37 28.22 -17.53 11.12
N PHE D 38 28.73 -17.20 9.94
CA PHE D 38 29.07 -18.22 8.94
C PHE D 38 30.54 -18.12 8.61
N ASP D 39 31.13 -19.21 8.11
CA ASP D 39 32.54 -19.15 7.75
C ASP D 39 32.64 -18.71 6.29
N GLN D 40 33.84 -18.75 5.73
CA GLN D 40 34.06 -18.32 4.35
C GLN D 40 33.23 -19.13 3.35
N GLN D 41 32.87 -20.36 3.72
CA GLN D 41 32.07 -21.22 2.83
C GLN D 41 30.56 -21.12 3.06
N GLN D 42 30.14 -20.16 3.87
CA GLN D 42 28.72 -19.96 4.16
C GLN D 42 28.14 -21.00 5.13
N ALA D 43 29.00 -21.78 5.76
CA ALA D 43 28.56 -22.78 6.72
C ALA D 43 28.61 -22.20 8.12
N LEU D 44 27.83 -22.76 9.04
CA LEU D 44 27.82 -22.28 10.41
C LEU D 44 29.22 -22.25 11.02
N ASP D 45 29.57 -21.13 11.63
CA ASP D 45 30.86 -20.96 12.30
C ASP D 45 30.52 -21.13 13.78
N LYS D 46 30.66 -22.36 14.27
CA LYS D 46 30.34 -22.67 15.66
C LYS D 46 31.10 -21.85 16.69
N ALA D 47 32.40 -21.69 16.50
CA ALA D 47 33.21 -20.94 17.44
C ALA D 47 32.70 -19.51 17.58
N SER D 48 32.36 -18.87 16.46
CA SER D 48 31.85 -17.50 16.50
C SER D 48 30.46 -17.42 17.10
N LEU D 49 29.64 -18.44 16.85
CA LEU D 49 28.29 -18.45 17.43
C LEU D 49 28.42 -18.48 18.94
N ARG D 50 29.27 -19.38 19.46
CA ARG D 50 29.46 -19.48 20.91
C ARG D 50 29.98 -18.15 21.46
N ARG D 51 30.94 -17.54 20.75
CA ARG D 51 31.49 -16.26 21.18
C ARG D 51 30.42 -15.17 21.23
N LEU D 52 29.50 -15.18 20.26
CA LEU D 52 28.45 -14.18 20.22
C LEU D 52 27.47 -14.37 21.37
N VAL D 53 27.20 -15.62 21.73
CA VAL D 53 26.29 -15.88 22.82
C VAL D 53 26.91 -15.35 24.12
N GLN D 54 28.18 -15.67 24.35
CA GLN D 54 28.86 -15.21 25.55
C GLN D 54 28.97 -13.69 25.58
N PHE D 55 29.24 -13.10 24.42
CA PHE D 55 29.36 -11.65 24.31
C PHE D 55 28.08 -10.99 24.81
N ASN D 56 26.93 -11.51 24.34
CA ASN D 56 25.63 -10.97 24.73
C ASN D 56 25.40 -11.15 26.23
N ILE D 57 25.74 -12.31 26.76
CA ILE D 57 25.56 -12.56 28.19
C ILE D 57 26.41 -11.58 29.00
N GLN D 58 27.62 -11.32 28.52
CA GLN D 58 28.52 -10.42 29.23
C GLN D 58 28.06 -8.97 29.27
N GLN D 59 27.30 -8.52 28.28
CA GLN D 59 26.84 -7.14 28.31
C GLN D 59 25.53 -6.98 29.08
N GLY D 60 25.15 -8.03 29.82
CA GLY D 60 23.95 -7.97 30.63
C GLY D 60 22.61 -8.11 29.96
N ILE D 61 22.56 -8.81 28.83
CA ILE D 61 21.30 -9.00 28.11
C ILE D 61 20.40 -9.92 28.97
N ASP D 62 19.09 -9.75 28.86
CA ASP D 62 18.17 -10.58 29.64
C ASP D 62 17.92 -11.94 29.01
N GLY D 63 18.13 -12.02 27.70
CA GLY D 63 17.92 -13.28 27.00
C GLY D 63 18.21 -13.16 25.52
N LEU D 64 17.98 -14.26 24.80
CA LEU D 64 18.22 -14.30 23.37
C LEU D 64 17.02 -14.87 22.63
N TYR D 65 16.71 -14.28 21.48
CA TYR D 65 15.62 -14.71 20.59
C TYR D 65 16.41 -15.37 19.46
N VAL D 66 16.31 -16.68 19.35
CA VAL D 66 17.08 -17.46 18.38
C VAL D 66 16.31 -18.08 17.22
N GLY D 67 16.87 -17.99 16.02
CA GLY D 67 16.25 -18.58 14.85
C GLY D 67 15.20 -17.73 14.16
N GLY D 68 15.23 -16.42 14.42
CA GLY D 68 14.28 -15.52 13.78
C GLY D 68 14.85 -14.92 12.51
N SER D 69 14.25 -13.82 12.05
CA SER D 69 14.71 -13.16 10.82
C SER D 69 16.21 -12.88 10.89
N THR D 70 16.62 -12.29 12.01
CA THR D 70 18.01 -11.91 12.24
C THR D 70 19.01 -13.05 12.20
N GLY D 71 18.56 -14.26 12.50
CA GLY D 71 19.45 -15.41 12.46
C GLY D 71 19.52 -16.02 11.07
N GLU D 72 18.93 -15.33 10.10
CA GLU D 72 18.88 -15.79 8.71
C GLU D 72 18.26 -17.17 8.59
N ALA D 73 17.27 -17.42 9.45
CA ALA D 73 16.56 -18.70 9.48
C ALA D 73 15.93 -19.06 8.15
N PHE D 74 15.45 -18.05 7.42
CA PHE D 74 14.78 -18.33 6.16
C PHE D 74 15.69 -18.66 4.99
N VAL D 75 16.99 -18.72 5.24
CA VAL D 75 17.95 -19.13 4.23
C VAL D 75 18.76 -20.29 4.83
N GLN D 76 18.16 -20.94 5.82
CA GLN D 76 18.75 -22.10 6.50
C GLN D 76 17.77 -23.27 6.40
N SER D 77 18.31 -24.49 6.52
CA SER D 77 17.49 -25.68 6.47
C SER D 77 17.01 -25.95 7.90
N LEU D 78 16.07 -26.87 8.06
CA LEU D 78 15.56 -27.20 9.39
C LEU D 78 16.69 -27.72 10.28
N SER D 79 17.51 -28.62 9.74
CA SER D 79 18.60 -29.19 10.50
C SER D 79 19.60 -28.12 10.93
N GLU D 80 19.81 -27.12 10.08
CA GLU D 80 20.74 -26.04 10.41
C GLU D 80 20.17 -25.18 11.54
N ARG D 81 18.85 -24.95 11.51
CA ARG D 81 18.22 -24.16 12.55
C ARG D 81 18.28 -24.92 13.87
N GLU D 82 18.08 -26.23 13.83
CA GLU D 82 18.14 -27.03 15.06
C GLU D 82 19.55 -27.02 15.62
N GLN D 83 20.55 -27.05 14.72
CA GLN D 83 21.93 -27.04 15.16
C GLN D 83 22.23 -25.77 15.94
N VAL D 84 21.71 -24.64 15.46
CA VAL D 84 21.92 -23.37 16.15
C VAL D 84 21.21 -23.38 17.50
N LEU D 85 19.96 -23.82 17.52
CA LEU D 85 19.21 -23.88 18.76
C LEU D 85 19.93 -24.70 19.82
N GLU D 86 20.45 -25.86 19.41
CA GLU D 86 21.14 -26.74 20.36
C GLU D 86 22.41 -26.12 20.93
N ILE D 87 23.23 -25.53 20.06
CA ILE D 87 24.47 -24.92 20.51
C ILE D 87 24.21 -23.74 21.45
N VAL D 88 23.24 -22.91 21.12
CA VAL D 88 22.94 -21.76 21.98
C VAL D 88 22.51 -22.24 23.36
N ALA D 89 21.70 -23.30 23.41
CA ALA D 89 21.23 -23.84 24.69
C ALA D 89 22.40 -24.32 25.53
N GLU D 90 23.36 -24.99 24.90
CA GLU D 90 24.53 -25.50 25.62
C GLU D 90 25.29 -24.33 26.24
N GLU D 91 25.38 -23.23 25.50
CA GLU D 91 26.10 -22.05 25.94
C GLU D 91 25.38 -21.16 26.95
N ALA D 92 24.06 -21.01 26.81
CA ALA D 92 23.31 -20.12 27.68
C ALA D 92 22.17 -20.66 28.55
N LYS D 93 21.76 -21.90 28.36
CA LYS D 93 20.67 -22.41 29.19
C LYS D 93 20.99 -22.19 30.66
N GLY D 94 20.06 -21.58 31.37
CA GLY D 94 20.26 -21.34 32.79
C GLY D 94 20.84 -19.97 33.14
N LYS D 95 21.60 -19.39 32.23
CA LYS D 95 22.22 -18.08 32.46
C LYS D 95 21.26 -16.94 32.11
N ILE D 96 20.60 -17.07 30.97
CA ILE D 96 19.65 -16.06 30.50
C ILE D 96 18.45 -16.77 29.89
N LYS D 97 17.38 -16.01 29.61
CA LYS D 97 16.19 -16.60 29.02
C LYS D 97 16.46 -16.93 27.54
N LEU D 98 15.86 -18.00 27.05
CA LEU D 98 16.04 -18.40 25.67
C LEU D 98 14.71 -18.62 24.97
N ILE D 99 14.50 -17.90 23.87
CA ILE D 99 13.28 -18.00 23.09
C ILE D 99 13.65 -18.57 21.72
N ALA D 100 13.00 -19.65 21.34
CA ALA D 100 13.29 -20.27 20.04
C ALA D 100 12.25 -19.91 19.00
N HIS D 101 12.67 -19.20 17.95
CA HIS D 101 11.72 -18.89 16.89
C HIS D 101 11.72 -20.13 16.02
N VAL D 102 10.61 -20.84 16.05
CA VAL D 102 10.45 -22.09 15.32
C VAL D 102 9.57 -21.95 14.08
N GLY D 103 9.14 -20.73 13.81
CA GLY D 103 8.26 -20.50 12.68
C GLY D 103 8.77 -20.76 11.28
N CYS D 104 7.94 -21.44 10.50
CA CYS D 104 8.21 -21.74 9.09
C CYS D 104 6.88 -21.48 8.40
N VAL D 105 6.86 -21.49 7.07
CA VAL D 105 5.59 -21.29 6.38
C VAL D 105 4.76 -22.54 6.70
N SER D 106 5.43 -23.69 6.66
CA SER D 106 4.81 -24.99 6.94
C SER D 106 4.53 -25.20 8.43
N THR D 107 3.33 -25.69 8.75
CA THR D 107 2.98 -25.97 10.14
C THR D 107 3.78 -27.17 10.63
N ALA D 108 3.87 -28.21 9.80
CA ALA D 108 4.60 -29.41 10.17
C ALA D 108 6.07 -29.14 10.48
N GLU D 109 6.72 -28.30 9.69
CA GLU D 109 8.12 -27.98 9.95
C GLU D 109 8.24 -27.19 11.26
N SER D 110 7.29 -26.29 11.51
CA SER D 110 7.29 -25.50 12.72
C SER D 110 7.12 -26.42 13.93
N GLN D 111 6.30 -27.45 13.79
CA GLN D 111 6.08 -28.40 14.87
C GLN D 111 7.35 -29.16 15.21
N GLN D 112 8.13 -29.49 14.19
CA GLN D 112 9.38 -30.21 14.42
C GLN D 112 10.34 -29.36 15.24
N LEU D 113 10.47 -28.09 14.85
CA LEU D 113 11.37 -27.19 15.58
C LEU D 113 10.87 -26.92 16.99
N ALA D 114 9.56 -26.87 17.16
CA ALA D 114 8.98 -26.63 18.49
C ALA D 114 9.37 -27.77 19.44
N ALA D 115 9.25 -29.00 18.98
CA ALA D 115 9.59 -30.15 19.81
C ALA D 115 11.08 -30.15 20.14
N SER D 116 11.91 -29.73 19.19
CA SER D 116 13.35 -29.67 19.41
C SER D 116 13.67 -28.60 20.46
N ALA D 117 13.00 -27.45 20.35
CA ALA D 117 13.21 -26.37 21.31
C ALA D 117 12.93 -26.85 22.74
N LYS D 118 11.88 -27.65 22.91
CA LYS D 118 11.55 -28.16 24.23
C LYS D 118 12.62 -29.13 24.69
N ARG D 119 13.07 -29.98 23.77
CA ARG D 119 14.10 -30.98 24.06
C ARG D 119 15.40 -30.30 24.50
N TYR D 120 15.73 -29.17 23.89
CA TYR D 120 16.97 -28.46 24.22
C TYR D 120 16.85 -27.62 25.49
N GLY D 121 15.63 -27.46 25.99
CA GLY D 121 15.45 -26.71 27.21
C GLY D 121 15.19 -25.20 27.08
N PHE D 122 14.62 -24.78 25.96
CA PHE D 122 14.31 -23.36 25.79
C PHE D 122 13.18 -22.96 26.73
N ASP D 123 13.07 -21.66 27.02
CA ASP D 123 12.04 -21.14 27.91
C ASP D 123 10.73 -20.85 27.20
N ALA D 124 10.81 -20.63 25.89
CA ALA D 124 9.61 -20.33 25.12
C ALA D 124 9.87 -20.53 23.63
N VAL D 125 8.80 -20.56 22.84
CA VAL D 125 8.90 -20.70 21.40
C VAL D 125 8.22 -19.48 20.78
N SER D 126 8.44 -19.25 19.49
CA SER D 126 7.84 -18.12 18.80
C SER D 126 7.69 -18.49 17.34
N ALA D 127 6.72 -17.88 16.66
CA ALA D 127 6.52 -18.17 15.25
C ALA D 127 5.97 -16.96 14.52
N VAL D 128 6.61 -16.60 13.42
CA VAL D 128 6.14 -15.49 12.60
C VAL D 128 4.88 -15.98 11.90
N THR D 129 3.96 -15.07 11.60
CA THR D 129 2.76 -15.45 10.87
C THR D 129 3.23 -16.05 9.55
N PRO D 130 2.75 -17.24 9.18
CA PRO D 130 3.19 -17.83 7.91
C PRO D 130 2.97 -16.87 6.73
N PHE D 131 3.97 -16.77 5.87
CA PHE D 131 3.94 -15.85 4.74
C PHE D 131 3.89 -16.42 3.33
N TYR D 132 4.06 -15.53 2.35
CA TYR D 132 4.03 -15.81 0.92
C TYR D 132 2.60 -16.13 0.47
N TYR D 133 2.07 -17.27 0.90
CA TYR D 133 0.71 -17.64 0.53
C TYR D 133 -0.29 -16.89 1.41
N PRO D 134 -1.44 -16.49 0.84
CA PRO D 134 -2.47 -15.78 1.59
C PRO D 134 -3.23 -16.79 2.44
N PHE D 135 -3.08 -16.71 3.75
CA PHE D 135 -3.78 -17.62 4.64
C PHE D 135 -4.88 -16.85 5.34
N SER D 136 -6.00 -17.52 5.62
CA SER D 136 -7.11 -16.86 6.30
C SER D 136 -6.73 -16.68 7.75
N PHE D 137 -7.47 -15.84 8.47
CA PHE D 137 -7.14 -15.64 9.88
C PHE D 137 -7.34 -16.93 10.65
N GLU D 138 -8.38 -17.68 10.30
CA GLU D 138 -8.65 -18.95 10.96
C GLU D 138 -7.47 -19.90 10.77
N GLU D 139 -6.86 -19.88 9.58
CA GLU D 139 -5.72 -20.74 9.33
C GLU D 139 -4.52 -20.32 10.16
N HIS D 140 -4.34 -19.01 10.36
CA HIS D 140 -3.23 -18.53 11.18
C HIS D 140 -3.43 -19.01 12.61
N CYS D 141 -4.66 -18.91 13.11
CA CYS D 141 -4.95 -19.36 14.47
C CYS D 141 -4.66 -20.84 14.66
N ASP D 142 -5.10 -21.67 13.71
CA ASP D 142 -4.86 -23.11 13.83
C ASP D 142 -3.37 -23.43 13.75
N HIS D 143 -2.64 -22.61 12.99
CA HIS D 143 -1.19 -22.76 12.84
C HIS D 143 -0.54 -22.58 14.22
N TYR D 144 -0.91 -21.51 14.92
CA TYR D 144 -0.37 -21.26 16.25
C TYR D 144 -0.79 -22.36 17.23
N ARG D 145 -2.06 -22.77 17.16
CA ARG D 145 -2.54 -23.82 18.05
C ARG D 145 -1.71 -25.10 17.90
N ALA D 146 -1.42 -25.48 16.66
CA ALA D 146 -0.66 -26.69 16.37
C ALA D 146 0.76 -26.60 16.91
N ILE D 147 1.39 -25.44 16.76
CA ILE D 147 2.75 -25.27 17.25
C ILE D 147 2.76 -25.26 18.78
N ILE D 148 1.76 -24.62 19.38
CA ILE D 148 1.65 -24.58 20.82
C ILE D 148 1.54 -26.00 21.37
N ASP D 149 0.81 -26.85 20.65
CA ASP D 149 0.66 -28.24 21.05
C ASP D 149 2.02 -28.93 21.07
N SER D 150 2.80 -28.72 20.02
CA SER D 150 4.12 -29.34 19.91
C SER D 150 5.17 -28.74 20.85
N ALA D 151 4.89 -27.54 21.36
CA ALA D 151 5.82 -26.87 22.29
C ALA D 151 5.68 -27.51 23.67
N ASP D 152 4.59 -28.26 23.83
CA ASP D 152 4.32 -28.99 25.06
C ASP D 152 4.71 -28.29 26.35
N GLY D 153 4.09 -27.14 26.63
CA GLY D 153 4.41 -26.44 27.86
C GLY D 153 5.12 -25.10 27.72
N LEU D 154 5.99 -24.98 26.73
CA LEU D 154 6.71 -23.72 26.50
C LEU D 154 5.75 -22.66 25.97
N PRO D 155 5.71 -21.47 26.61
CA PRO D 155 4.83 -20.40 26.17
C PRO D 155 5.13 -19.98 24.73
N MET D 156 4.10 -19.55 24.01
CA MET D 156 4.26 -19.12 22.63
C MET D 156 4.34 -17.60 22.56
N VAL D 157 5.26 -17.09 21.75
CA VAL D 157 5.41 -15.66 21.54
C VAL D 157 4.92 -15.39 20.12
N VAL D 158 3.73 -14.82 20.00
CA VAL D 158 3.18 -14.50 18.69
C VAL D 158 4.11 -13.45 18.10
N TYR D 159 4.34 -13.52 16.79
CA TYR D 159 5.27 -12.61 16.12
C TYR D 159 4.60 -11.86 14.98
N ASN D 160 4.33 -10.56 15.21
CA ASN D 160 3.69 -9.69 14.24
C ASN D 160 4.72 -8.75 13.60
N ILE D 161 4.98 -8.96 12.31
CA ILE D 161 5.96 -8.16 11.58
C ILE D 161 5.47 -7.99 10.13
N PRO D 162 4.45 -7.16 9.93
CA PRO D 162 3.88 -6.92 8.60
C PRO D 162 4.85 -6.47 7.51
N ALA D 163 5.84 -5.68 7.88
CA ALA D 163 6.81 -5.20 6.89
C ALA D 163 7.49 -6.33 6.12
N LEU D 164 7.80 -7.42 6.81
CA LEU D 164 8.47 -8.54 6.16
C LEU D 164 7.56 -9.69 5.74
N SER D 165 6.55 -9.98 6.56
CA SER D 165 5.64 -11.08 6.28
C SER D 165 4.55 -10.75 5.26
N GLY D 166 4.16 -9.49 5.20
CA GLY D 166 3.11 -9.09 4.28
C GLY D 166 1.74 -9.38 4.88
N VAL D 167 1.72 -9.87 6.11
CA VAL D 167 0.47 -10.19 6.79
C VAL D 167 0.04 -9.00 7.66
N LYS D 168 -1.09 -8.41 7.32
CA LYS D 168 -1.61 -7.26 8.07
C LYS D 168 -2.77 -7.68 8.95
N LEU D 169 -2.56 -7.71 10.25
CA LEU D 169 -3.60 -8.11 11.19
C LEU D 169 -4.29 -6.90 11.80
N THR D 170 -5.59 -7.03 12.07
CA THR D 170 -6.35 -5.96 12.69
C THR D 170 -6.14 -6.10 14.19
N LEU D 171 -6.52 -5.07 14.95
CA LEU D 171 -6.38 -5.14 16.40
C LEU D 171 -7.19 -6.32 16.95
N ASP D 172 -8.41 -6.49 16.45
CA ASP D 172 -9.26 -7.60 16.90
C ASP D 172 -8.56 -8.94 16.67
N GLN D 173 -7.90 -9.08 15.52
CA GLN D 173 -7.22 -10.33 15.21
C GLN D 173 -6.02 -10.54 16.13
N ILE D 174 -5.28 -9.47 16.40
CA ILE D 174 -4.14 -9.58 17.31
C ILE D 174 -4.66 -9.97 18.71
N ASN D 175 -5.78 -9.37 19.11
CA ASN D 175 -6.35 -9.69 20.43
C ASN D 175 -6.69 -11.17 20.52
N THR D 176 -7.24 -11.72 19.44
CA THR D 176 -7.61 -13.13 19.41
C THR D 176 -6.37 -14.02 19.50
N LEU D 177 -5.32 -13.66 18.77
CA LEU D 177 -4.10 -14.45 18.78
C LEU D 177 -3.41 -14.47 20.14
N VAL D 178 -3.30 -13.32 20.79
CA VAL D 178 -2.62 -13.27 22.08
C VAL D 178 -3.41 -13.86 23.24
N THR D 179 -4.68 -14.19 23.00
CA THR D 179 -5.50 -14.79 24.04
C THR D 179 -5.68 -16.29 23.83
N LEU D 180 -5.04 -16.84 22.80
CA LEU D 180 -5.12 -18.27 22.55
C LEU D 180 -4.45 -18.98 23.72
N PRO D 181 -4.97 -20.14 24.14
CA PRO D 181 -4.34 -20.86 25.25
C PRO D 181 -2.90 -21.18 24.89
N GLY D 182 -1.97 -20.93 25.81
CA GLY D 182 -0.57 -21.21 25.54
C GLY D 182 0.27 -20.04 25.06
N VAL D 183 -0.36 -18.92 24.73
CA VAL D 183 0.38 -17.73 24.30
C VAL D 183 0.74 -16.88 25.52
N GLY D 184 2.02 -16.58 25.67
CA GLY D 184 2.45 -15.78 26.80
C GLY D 184 3.06 -14.43 26.46
N ALA D 185 3.18 -14.13 25.17
CA ALA D 185 3.77 -12.86 24.77
C ALA D 185 3.54 -12.52 23.30
N LEU D 186 3.85 -11.27 22.95
CA LEU D 186 3.72 -10.80 21.59
C LEU D 186 4.95 -9.98 21.22
N LYS D 187 5.62 -10.36 20.13
CA LYS D 187 6.75 -9.57 19.67
C LYS D 187 6.08 -8.65 18.66
N GLN D 188 6.03 -7.37 18.98
CA GLN D 188 5.37 -6.38 18.14
C GLN D 188 6.32 -5.58 17.26
N THR D 189 6.62 -6.09 16.06
CA THR D 189 7.50 -5.35 15.17
C THR D 189 6.63 -4.48 14.28
N SER D 190 6.14 -3.40 14.88
CA SER D 190 5.29 -2.44 14.21
C SER D 190 5.60 -1.07 14.80
N GLY D 191 5.55 -0.06 13.95
CA GLY D 191 5.82 1.30 14.41
C GLY D 191 4.55 2.05 14.79
N ASP D 192 3.42 1.34 14.81
CA ASP D 192 2.14 1.95 15.17
C ASP D 192 2.05 1.94 16.69
N LEU D 193 2.37 3.07 17.32
CA LEU D 193 2.33 3.12 18.77
C LEU D 193 0.96 3.36 19.37
N TYR D 194 -0.03 3.60 18.52
CA TYR D 194 -1.40 3.75 18.99
C TYR D 194 -1.82 2.30 19.25
N GLN D 195 -1.53 1.42 18.29
CA GLN D 195 -1.87 0.01 18.43
C GLN D 195 -1.13 -0.59 19.63
N MET D 196 0.12 -0.18 19.83
CA MET D 196 0.91 -0.68 20.96
C MET D 196 0.19 -0.36 22.27
N GLU D 197 -0.31 0.86 22.39
CA GLU D 197 -1.02 1.27 23.60
C GLU D 197 -2.33 0.50 23.74
N GLN D 198 -3.03 0.32 22.63
CA GLN D 198 -4.30 -0.39 22.65
C GLN D 198 -4.11 -1.84 23.10
N ILE D 199 -3.04 -2.46 22.64
CA ILE D 199 -2.75 -3.83 23.03
C ILE D 199 -2.47 -3.89 24.53
N ARG D 200 -1.68 -2.95 25.03
CA ARG D 200 -1.38 -2.92 26.46
C ARG D 200 -2.65 -2.70 27.29
N ARG D 201 -3.52 -1.80 26.84
CA ARG D 201 -4.77 -1.50 27.55
C ARG D 201 -5.68 -2.73 27.60
N GLU D 202 -5.75 -3.46 26.50
CA GLU D 202 -6.59 -4.66 26.43
C GLU D 202 -5.97 -5.85 27.19
N HIS D 203 -4.65 -5.92 27.22
CA HIS D 203 -3.95 -7.02 27.89
C HIS D 203 -2.91 -6.51 28.90
N PRO D 204 -3.37 -6.03 30.06
CA PRO D 204 -2.47 -5.49 31.09
C PRO D 204 -1.33 -6.40 31.55
N ASP D 205 -1.54 -7.71 31.47
CA ASP D 205 -0.51 -8.66 31.93
C ASP D 205 0.34 -9.27 30.82
N LEU D 206 0.02 -8.93 29.57
CA LEU D 206 0.75 -9.48 28.43
C LEU D 206 2.21 -9.00 28.31
N VAL D 207 3.11 -9.94 28.06
CA VAL D 207 4.52 -9.60 27.84
C VAL D 207 4.50 -9.02 26.43
N LEU D 208 4.97 -7.78 26.30
CA LEU D 208 4.93 -7.10 25.01
C LEU D 208 6.29 -6.54 24.58
N TYR D 209 6.90 -7.18 23.58
CA TYR D 209 8.22 -6.77 23.10
C TYR D 209 8.18 -5.75 21.97
N ASN D 210 8.85 -4.63 22.16
CA ASN D 210 8.94 -3.60 21.13
C ASN D 210 9.87 -4.21 20.07
N GLY D 211 9.44 -4.19 18.80
CA GLY D 211 10.24 -4.78 17.74
C GLY D 211 11.14 -3.92 16.88
N TYR D 212 10.90 -2.61 16.86
CA TYR D 212 11.75 -1.71 16.07
C TYR D 212 12.67 -0.94 17.02
N ASP D 213 13.95 -1.31 17.03
CA ASP D 213 14.93 -0.71 17.92
C ASP D 213 14.92 0.82 17.88
N GLU D 214 14.74 1.38 16.69
CA GLU D 214 14.74 2.83 16.51
C GLU D 214 13.63 3.62 17.21
N ILE D 215 12.67 2.92 17.81
CA ILE D 215 11.60 3.63 18.53
C ILE D 215 11.43 3.03 19.93
N PHE D 216 12.43 2.27 20.37
CA PHE D 216 12.41 1.60 21.67
C PHE D 216 11.88 2.47 22.82
N ALA D 217 12.48 3.63 23.04
CA ALA D 217 12.03 4.51 24.13
C ALA D 217 10.55 4.86 24.05
N SER D 218 10.11 5.26 22.86
CA SER D 218 8.70 5.62 22.66
C SER D 218 7.80 4.40 22.76
N GLY D 219 8.32 3.24 22.35
CA GLY D 219 7.54 2.01 22.40
C GLY D 219 7.25 1.61 23.85
N LEU D 220 8.25 1.76 24.71
CA LEU D 220 8.07 1.42 26.12
C LEU D 220 7.04 2.37 26.72
N LEU D 221 7.18 3.67 26.39
CA LEU D 221 6.26 4.67 26.91
C LEU D 221 4.82 4.35 26.48
N ALA D 222 4.67 3.83 25.27
CA ALA D 222 3.36 3.48 24.73
C ALA D 222 2.75 2.24 25.40
N GLY D 223 3.59 1.39 26.00
CA GLY D 223 3.05 0.22 26.64
C GLY D 223 3.89 -1.05 26.61
N ALA D 224 4.89 -1.11 25.73
CA ALA D 224 5.75 -2.29 25.68
C ALA D 224 6.48 -2.39 27.01
N ASP D 225 6.77 -3.61 27.46
CA ASP D 225 7.48 -3.77 28.72
C ASP D 225 8.85 -4.40 28.51
N GLY D 226 9.32 -4.35 27.27
CA GLY D 226 10.61 -4.91 26.93
C GLY D 226 10.81 -4.83 25.44
N GLY D 227 11.78 -5.59 24.93
CA GLY D 227 12.02 -5.56 23.51
C GLY D 227 12.93 -6.67 23.02
N ILE D 228 12.89 -6.90 21.72
CA ILE D 228 13.72 -7.90 21.05
C ILE D 228 14.25 -7.15 19.83
N GLY D 229 15.58 -7.13 19.67
CA GLY D 229 16.16 -6.43 18.55
C GLY D 229 17.53 -6.92 18.14
N SER D 230 17.86 -6.78 16.86
CA SER D 230 19.14 -7.23 16.35
C SER D 230 20.31 -6.32 16.73
N THR D 231 20.05 -5.02 16.91
CA THR D 231 21.15 -4.12 17.26
C THR D 231 21.59 -4.31 18.71
N TYR D 232 20.81 -5.05 19.49
CA TYR D 232 21.15 -5.32 20.89
C TYR D 232 22.47 -6.11 20.94
N ASN D 233 22.79 -6.80 19.85
CA ASN D 233 24.03 -7.59 19.78
C ASN D 233 25.28 -6.75 19.98
N ILE D 234 25.25 -5.50 19.51
CA ILE D 234 26.43 -4.65 19.64
C ILE D 234 26.35 -3.52 20.66
N MET D 235 25.16 -3.25 21.18
CA MET D 235 25.00 -2.17 22.16
C MET D 235 23.80 -2.38 23.06
N GLY D 236 23.59 -3.63 23.47
CA GLY D 236 22.47 -3.97 24.34
C GLY D 236 22.38 -3.16 25.61
N TRP D 237 23.54 -2.75 26.14
CA TRP D 237 23.58 -1.98 27.37
C TRP D 237 22.88 -0.63 27.24
N ARG D 238 22.82 -0.10 26.02
CA ARG D 238 22.15 1.19 25.80
C ARG D 238 20.64 1.03 25.98
N TYR D 239 20.10 -0.08 25.49
CA TYR D 239 18.67 -0.32 25.62
C TYR D 239 18.32 -0.59 27.08
N GLN D 240 19.21 -1.29 27.77
CA GLN D 240 19.00 -1.56 29.19
C GLN D 240 19.05 -0.20 29.90
N GLY D 241 19.89 0.68 29.38
CA GLY D 241 20.03 2.02 29.95
C GLY D 241 18.77 2.84 29.77
N ILE D 242 18.09 2.65 28.65
CA ILE D 242 16.84 3.38 28.38
C ILE D 242 15.76 2.88 29.34
N VAL D 243 15.73 1.57 29.57
CA VAL D 243 14.74 1.00 30.48
C VAL D 243 14.91 1.62 31.86
N LYS D 244 16.15 1.67 32.32
CA LYS D 244 16.44 2.22 33.65
C LYS D 244 16.15 3.71 33.72
N ALA D 245 16.54 4.46 32.69
CA ALA D 245 16.30 5.90 32.67
C ALA D 245 14.82 6.23 32.78
N LEU D 246 13.98 5.54 32.01
CA LEU D 246 12.55 5.78 32.06
C LEU D 246 11.97 5.35 33.41
N LYS D 247 12.55 4.31 33.99
CA LYS D 247 12.09 3.80 35.28
C LYS D 247 12.35 4.84 36.37
N GLU D 248 13.48 5.54 36.26
CA GLU D 248 13.87 6.54 37.23
C GLU D 248 13.37 7.94 36.89
N GLY D 249 12.65 8.06 35.79
CA GLY D 249 12.11 9.35 35.38
C GLY D 249 13.15 10.30 34.78
N ASP D 250 14.21 9.73 34.22
CA ASP D 250 15.26 10.53 33.60
C ASP D 250 15.04 10.57 32.09
N ILE D 251 14.07 11.36 31.66
CA ILE D 251 13.75 11.48 30.24
C ILE D 251 14.91 11.96 29.38
N GLN D 252 15.70 12.90 29.89
CA GLN D 252 16.83 13.42 29.15
C GLN D 252 17.81 12.31 28.79
N THR D 253 18.13 11.45 29.76
CA THR D 253 19.05 10.35 29.52
C THR D 253 18.45 9.35 28.54
N ALA D 254 17.15 9.07 28.70
CA ALA D 254 16.46 8.13 27.82
C ALA D 254 16.52 8.61 26.37
N GLN D 255 16.25 9.89 26.16
CA GLN D 255 16.28 10.46 24.81
C GLN D 255 17.68 10.44 24.22
N LYS D 256 18.68 10.80 25.03
CA LYS D 256 20.06 10.82 24.57
C LYS D 256 20.48 9.43 24.11
N LEU D 257 20.12 8.41 24.88
CA LEU D 257 20.48 7.04 24.52
C LEU D 257 19.77 6.61 23.24
N GLN D 258 18.50 6.94 23.09
CA GLN D 258 17.77 6.57 21.89
C GLN D 258 18.39 7.27 20.68
N THR D 259 18.76 8.54 20.86
CA THR D 259 19.38 9.29 19.78
C THR D 259 20.66 8.59 19.31
N GLU D 260 21.50 8.18 20.26
CA GLU D 260 22.74 7.50 19.90
C GLU D 260 22.45 6.18 19.20
N CYS D 261 21.43 5.46 19.66
CA CYS D 261 21.07 4.19 19.03
C CYS D 261 20.63 4.45 17.59
N ASN D 262 19.89 5.54 17.38
CA ASN D 262 19.40 5.84 16.04
C ASN D 262 20.50 6.30 15.08
N LYS D 263 21.55 6.92 15.60
CA LYS D 263 22.65 7.32 14.73
C LYS D 263 23.25 6.02 14.19
N VAL D 264 23.31 5.01 15.05
CA VAL D 264 23.84 3.72 14.67
C VAL D 264 22.92 3.01 13.69
N ILE D 265 21.62 3.01 14.00
CA ILE D 265 20.66 2.35 13.12
C ILE D 265 20.65 3.01 11.74
N ASP D 266 20.79 4.33 11.68
CA ASP D 266 20.84 5.02 10.39
C ASP D 266 21.94 4.37 9.55
N LEU D 267 23.12 4.23 10.15
CA LEU D 267 24.26 3.64 9.46
C LEU D 267 24.03 2.19 9.04
N LEU D 268 23.55 1.37 9.96
CA LEU D 268 23.31 -0.03 9.69
C LEU D 268 22.30 -0.25 8.57
N ILE D 269 21.29 0.61 8.49
CA ILE D 269 20.30 0.48 7.44
C ILE D 269 20.96 0.78 6.08
N LYS D 270 21.87 1.75 6.06
CA LYS D 270 22.56 2.09 4.81
C LYS D 270 23.49 0.96 4.39
N THR D 271 24.20 0.38 5.35
CA THR D 271 25.15 -0.69 5.06
C THR D 271 24.50 -2.05 4.81
N GLY D 272 23.35 -2.26 5.42
CA GLY D 272 22.67 -3.54 5.33
C GLY D 272 22.68 -3.96 6.79
N LEU D 273 21.51 -4.16 7.38
CA LEU D 273 21.42 -4.47 8.80
C LEU D 273 22.20 -5.66 9.35
N PHE D 274 21.91 -6.87 8.89
CA PHE D 274 22.61 -8.05 9.41
C PHE D 274 24.11 -8.03 9.13
N ARG D 275 24.49 -7.74 7.89
CA ARG D 275 25.92 -7.73 7.56
C ARG D 275 26.66 -6.60 8.25
N GLY D 276 26.00 -5.47 8.44
CA GLY D 276 26.62 -4.36 9.13
C GLY D 276 26.91 -4.75 10.57
N LEU D 277 25.93 -5.40 11.20
CA LEU D 277 26.08 -5.85 12.57
C LEU D 277 27.20 -6.89 12.67
N LYS D 278 27.22 -7.84 11.74
CA LYS D 278 28.26 -8.86 11.76
C LYS D 278 29.64 -8.23 11.57
N THR D 279 29.71 -7.22 10.72
CA THR D 279 30.97 -6.55 10.46
C THR D 279 31.48 -5.85 11.73
N VAL D 280 30.59 -5.16 12.44
CA VAL D 280 30.98 -4.51 13.68
C VAL D 280 31.44 -5.56 14.68
N LEU D 281 30.72 -6.68 14.73
CA LEU D 281 31.09 -7.75 15.65
C LEU D 281 32.44 -8.36 15.26
N HIS D 282 32.76 -8.32 13.98
CA HIS D 282 34.04 -8.85 13.51
C HIS D 282 35.15 -7.96 14.05
N TYR D 283 34.95 -6.65 14.00
CA TYR D 283 35.96 -5.73 14.51
C TYR D 283 36.07 -5.78 16.03
N MET D 284 35.03 -6.30 16.69
CA MET D 284 35.04 -6.42 18.13
C MET D 284 35.61 -7.78 18.54
N ASP D 285 36.19 -8.47 17.55
CA ASP D 285 36.81 -9.79 17.75
C ASP D 285 35.84 -10.89 18.18
N VAL D 286 34.58 -10.77 17.78
CA VAL D 286 33.59 -11.78 18.14
C VAL D 286 33.28 -12.70 16.95
N VAL D 287 33.06 -12.10 15.79
CA VAL D 287 32.74 -12.84 14.58
C VAL D 287 33.93 -12.92 13.61
N SER D 288 34.36 -14.14 13.30
CA SER D 288 35.50 -14.38 12.41
C SER D 288 35.32 -13.87 10.98
N VAL D 289 34.20 -14.23 10.36
CA VAL D 289 33.90 -13.82 8.99
C VAL D 289 32.49 -13.20 9.05
N PRO D 290 32.37 -11.91 8.70
CA PRO D 290 31.09 -11.20 8.73
C PRO D 290 30.12 -11.31 7.56
N LEU D 291 30.13 -12.42 6.85
CA LEU D 291 29.24 -12.57 5.70
C LEU D 291 27.86 -13.12 6.04
N CYS D 292 26.89 -12.75 5.20
CA CYS D 292 25.52 -13.24 5.31
C CYS D 292 25.42 -14.20 4.13
N ARG D 293 24.37 -15.01 4.10
CA ARG D 293 24.21 -15.96 3.01
C ARG D 293 23.57 -15.32 1.79
N LYS D 294 23.98 -15.76 0.60
CA LYS D 294 23.43 -15.23 -0.65
C LYS D 294 21.92 -15.53 -0.63
N PRO D 295 21.11 -14.68 -1.28
CA PRO D 295 21.43 -13.46 -2.04
C PRO D 295 21.98 -12.20 -1.34
N PHE D 296 22.19 -12.25 -0.03
CA PHE D 296 22.76 -11.08 0.65
C PHE D 296 24.17 -10.87 0.11
N GLY D 297 24.49 -9.65 -0.28
CA GLY D 297 25.82 -9.36 -0.79
C GLY D 297 26.73 -8.87 0.33
N PRO D 298 28.02 -8.63 0.05
CA PRO D 298 28.93 -8.16 1.10
C PRO D 298 28.71 -6.67 1.40
N VAL D 299 29.36 -6.17 2.44
CA VAL D 299 29.24 -4.77 2.79
C VAL D 299 30.07 -3.95 1.80
N ASP D 300 29.53 -2.84 1.33
CA ASP D 300 30.25 -1.97 0.40
C ASP D 300 31.45 -1.39 1.14
N GLU D 301 32.63 -1.53 0.55
CA GLU D 301 33.88 -1.05 1.14
C GLU D 301 33.84 0.38 1.65
N LYS D 302 33.05 1.24 1.02
CA LYS D 302 32.97 2.63 1.43
C LYS D 302 32.44 2.84 2.84
N TYR D 303 31.78 1.82 3.39
CA TYR D 303 31.22 1.92 4.73
C TYR D 303 32.14 1.41 5.84
N LEU D 304 33.23 0.74 5.48
CA LEU D 304 34.13 0.19 6.48
C LEU D 304 34.70 1.22 7.47
N PRO D 305 35.06 2.42 7.00
CA PRO D 305 35.60 3.41 7.95
C PRO D 305 34.63 3.70 9.09
N GLU D 306 33.35 3.90 8.76
CA GLU D 306 32.36 4.19 9.79
C GLU D 306 32.09 2.97 10.68
N LEU D 307 32.08 1.79 10.08
CA LEU D 307 31.83 0.57 10.86
C LEU D 307 32.99 0.28 11.81
N LYS D 308 34.22 0.49 11.35
CA LYS D 308 35.38 0.27 12.21
C LYS D 308 35.40 1.28 13.35
N ALA D 309 35.08 2.53 13.03
CA ALA D 309 35.05 3.59 14.04
C ALA D 309 33.96 3.31 15.06
N LEU D 310 32.84 2.77 14.60
CA LEU D 310 31.73 2.44 15.49
C LEU D 310 32.15 1.35 16.47
N ALA D 311 32.81 0.32 15.95
CA ALA D 311 33.28 -0.79 16.79
C ALA D 311 34.19 -0.26 17.88
N GLN D 312 35.13 0.61 17.49
CA GLN D 312 36.07 1.19 18.44
C GLN D 312 35.33 1.98 19.52
N GLN D 313 34.34 2.77 19.10
CA GLN D 313 33.56 3.57 20.04
C GLN D 313 32.81 2.70 21.03
N LEU D 314 32.08 1.70 20.53
CA LEU D 314 31.32 0.82 21.39
C LEU D 314 32.19 0.07 22.39
N MET D 315 33.37 -0.36 21.97
CA MET D 315 34.26 -1.08 22.89
C MET D 315 34.76 -0.13 23.99
N GLN D 316 35.01 1.13 23.62
CA GLN D 316 35.47 2.13 24.58
C GLN D 316 34.36 2.37 25.60
N GLU D 317 33.14 2.43 25.09
CA GLU D 317 31.96 2.67 25.90
C GLU D 317 31.69 1.54 26.88
N ARG D 318 31.73 0.31 26.38
CA ARG D 318 31.49 -0.87 27.21
C ARG D 318 32.69 -1.19 28.09
S SO4 E . 3.01 -21.33 -10.06
O1 SO4 E . 4.12 -20.55 -9.47
O2 SO4 E . 1.72 -20.81 -9.55
O3 SO4 E . 3.14 -22.75 -9.66
O4 SO4 E . 3.05 -21.23 -11.52
S SO4 F . -0.43 -6.59 -9.44
O1 SO4 F . -1.57 -5.73 -9.05
O2 SO4 F . 0.01 -7.39 -8.29
O3 SO4 F . -0.85 -7.49 -10.53
O4 SO4 F . 0.69 -5.74 -9.90
S SO4 G . -6.15 19.80 11.22
O1 SO4 G . -6.63 18.45 11.57
O2 SO4 G . -5.12 20.22 12.18
O3 SO4 G . -7.28 20.76 11.28
O4 SO4 G . -5.59 19.77 9.86
S SO4 H . 1.48 7.06 8.62
O1 SO4 H . 2.80 7.10 7.97
O2 SO4 H . 1.54 7.73 9.93
O3 SO4 H . 0.50 7.73 7.76
O4 SO4 H . 1.07 5.65 8.82
S SO4 I . -11.18 12.83 -16.28
O1 SO4 I . -11.63 12.72 -14.89
O2 SO4 I . -9.76 12.46 -16.38
O3 SO4 I . -11.36 14.22 -16.74
O4 SO4 I . -11.98 11.94 -17.14
S SO4 J . -5.47 0.35 -9.99
O1 SO4 J . -6.32 -0.53 -9.17
O2 SO4 J . -5.94 0.33 -11.39
O3 SO4 J . -5.52 1.73 -9.48
O4 SO4 J . -4.08 -0.14 -9.95
S SO4 K . 14.23 -11.53 14.66
O1 SO4 K . 13.06 -12.15 14.02
O2 SO4 K . 14.61 -10.33 13.87
O3 SO4 K . 15.36 -12.46 14.71
O4 SO4 K . 13.88 -11.11 16.03
S SO4 L . 4.37 -0.83 10.24
O1 SO4 L . 4.35 0.34 9.34
O2 SO4 L . 4.91 -2.00 9.53
O3 SO4 L . 5.22 -0.52 11.40
O4 SO4 L . 3.00 -1.12 10.69
#